data_3ZE7
#
_entry.id   3ZE7
#
_cell.length_a   72.297
_cell.length_b   96.987
_cell.length_c   103.855
_cell.angle_alpha   90.00
_cell.angle_beta   90.00
_cell.angle_gamma   90.00
#
_symmetry.space_group_name_H-M   'P 21 21 21'
#
loop_
_entity.id
_entity.type
_entity.pdbx_description
1 polymer 'PERIPLASMIC [NIFESE] HYDROGENASE, SMALL SUBUNIT'
2 polymer 'PERIPLASMIC [NIFESE] HYDROGENASE, LARGE SUBUNIT, SELENOCYSTEINE-CONTAINING'
3 non-polymer 'IRON/SULFUR CLUSTER'
4 non-polymer 'CARBONMONOXIDE-(DICYANO) IRON'
5 non-polymer 'NICKEL (II) ION'
6 non-polymer 'FE (II) ION'
7 non-polymer 'HYDROSULFURIC ACID'
8 water water
#
loop_
_entity_poly.entity_id
_entity_poly.type
_entity_poly.pdbx_seq_one_letter_code
_entity_poly.pdbx_strand_id
1 'polypeptide(L)'
;GTLTGERPPVFWLQGQGCTGCSVTLLNSVHPSIADVLLKVISLEFHPTVMAWEGEHAIEHMRKVAEKFKGKFFLVIEGSV
PVEADGKYCIIGEANHHEISMVDALKEFGPNAAAVLAVGTCAAYGGIPAAEGSETGATAVSKFLGDNGIKTPVVNIPGCP
PHPDWIVGTVVLALDAIKKNGLEGGLAEVVKVLDSDGRPTPFFGRNIHENCPYLDKYDEGVMSATFTDKVGCRYDLGCKG
PMTMADCFERKWNGGVNWCVQNAVCIGCVEPDFPDGKSPFYQA
;
A
2 'polypeptide(L)'
;GATGRTTIAIDPVTRIEGHLKAEVVVENGKVVDARLSGGMYRGFETILRGRDPRDASQIVQRI(OCS)GVCPTAHSTASV
LALDEAFGAKVPNNGRITRNLIFGANYLQSHILHFYHLSAQDFVQGPDTAPFVPRFPKSDLRLSKELNKAGVDQYIEALE
VRRICHEMVALFGGRMPHVQGQVVGGATEIPTKEKLVEYAARFKKVRDFVEQKYVPVVYTIGSKYKDMFKVGQGFKAALC
VGAFPLDNSGKKHLFMPGVYAKGKDMPFDPSKIKEYVKYSWFAEETTGLNYKEGKTIPAPDKAGAYSFVKAPRYDGLSLE
VGPLARMWVNNPELSPVGKKLLKDLFGISAKKFRDLGEEAAFSLMGRHVARAEETYYMLGAIEGWLKEIKAGEDTVVMPA
VPASAEGTGFTEAPRGSLLHYVKVKDSKIDNYQIVSASLWNCNPRDDMGQRGAVEEALIGIPVDDIQNPVNVARLIRAFD
PULGCAVH
;
B
#
loop_
_chem_comp.id
_chem_comp.type
_chem_comp.name
_chem_comp.formula
FCO non-polymer 'CARBONMONOXIDE-(DICYANO) IRON' 'C3 Fe N2 O'
FE2 non-polymer 'FE (II) ION' 'Fe 2'
H2S non-polymer 'HYDROSULFURIC ACID' 'H2 S'
NI non-polymer 'NICKEL (II) ION' 'Ni 2'
SF4 non-polymer 'IRON/SULFUR CLUSTER' 'Fe4 S4'
#
# COMPACT_ATOMS: atom_id res chain seq x y z
N ARG A 7 16.34 -22.88 -8.64
CA ARG A 7 15.68 -21.61 -8.30
C ARG A 7 16.71 -20.48 -8.22
N PRO A 8 16.86 -19.75 -9.33
CA PRO A 8 17.82 -18.64 -9.41
C PRO A 8 17.48 -17.57 -8.38
N PRO A 9 18.51 -16.94 -7.79
CA PRO A 9 18.28 -15.88 -6.82
C PRO A 9 17.77 -14.60 -7.50
N VAL A 10 16.86 -13.93 -6.80
CA VAL A 10 16.27 -12.67 -7.22
C VAL A 10 16.36 -11.70 -6.05
N PHE A 11 16.84 -10.48 -6.32
CA PHE A 11 16.77 -9.39 -5.36
C PHE A 11 15.71 -8.40 -5.85
N TRP A 12 14.85 -7.95 -4.95
CA TRP A 12 13.79 -7.03 -5.29
C TRP A 12 14.00 -5.72 -4.53
N LEU A 13 14.50 -4.73 -5.26
CA LEU A 13 14.75 -3.41 -4.72
C LEU A 13 13.55 -2.53 -4.99
N GLN A 14 13.11 -1.81 -3.96
CA GLN A 14 12.08 -0.80 -4.13
C GLN A 14 12.73 0.59 -4.09
N GLY A 15 12.51 1.38 -5.14
CA GLY A 15 12.91 2.77 -5.14
C GLY A 15 11.68 3.61 -4.84
N GLN A 16 11.36 4.56 -5.71
CA GLN A 16 10.13 5.35 -5.53
C GLN A 16 8.90 4.54 -6.01
N GLY A 17 8.60 3.46 -5.30
CA GLY A 17 7.46 2.63 -5.63
C GLY A 17 6.33 2.78 -4.63
N CYS A 18 5.18 2.18 -4.95
CA CYS A 18 4.02 2.22 -4.05
C CYS A 18 3.69 0.83 -3.51
N THR A 19 4.56 -0.13 -3.78
CA THR A 19 4.35 -1.54 -3.41
C THR A 19 3.22 -2.25 -4.20
N GLY A 20 2.59 -1.52 -5.12
CA GLY A 20 1.57 -2.10 -5.97
C GLY A 20 2.09 -3.12 -6.96
N CYS A 21 3.33 -2.95 -7.43
CA CYS A 21 3.90 -3.96 -8.31
C CYS A 21 4.20 -5.28 -7.57
N SER A 22 4.55 -5.18 -6.29
CA SER A 22 4.66 -6.35 -5.42
C SER A 22 3.29 -6.97 -5.14
N VAL A 23 2.30 -6.15 -4.81
CA VAL A 23 0.96 -6.67 -4.55
C VAL A 23 0.36 -7.35 -5.79
N THR A 24 0.57 -6.79 -6.97
CA THR A 24 -0.03 -7.39 -8.14
C THR A 24 0.59 -8.76 -8.38
N LEU A 25 1.89 -8.90 -8.11
CA LEU A 25 2.54 -10.19 -8.19
C LEU A 25 1.89 -11.20 -7.22
N LEU A 26 1.57 -10.74 -6.02
CA LEU A 26 0.91 -11.62 -5.03
C LEU A 26 -0.40 -12.23 -5.54
N ASN A 27 -1.01 -11.56 -6.52
CA ASN A 27 -2.29 -11.97 -7.08
C ASN A 27 -2.19 -13.01 -8.20
N SER A 28 -0.97 -13.46 -8.52
CA SER A 28 -0.78 -14.45 -9.59
C SER A 28 -1.66 -15.68 -9.34
N VAL A 29 -2.44 -16.07 -10.36
CA VAL A 29 -3.32 -17.22 -10.20
C VAL A 29 -2.60 -18.53 -10.53
N HIS A 30 -2.06 -18.62 -11.74
CA HIS A 30 -1.37 -19.82 -12.21
CA HIS A 30 -1.33 -19.81 -12.16
C HIS A 30 -0.03 -19.44 -12.83
N PRO A 31 1.09 -19.75 -12.16
CA PRO A 31 1.19 -20.37 -10.84
C PRO A 31 0.83 -19.41 -9.71
N SER A 32 0.43 -19.97 -8.57
CA SER A 32 0.20 -19.20 -7.37
C SER A 32 1.50 -18.53 -6.94
N ILE A 33 1.41 -17.46 -6.15
CA ILE A 33 2.62 -16.86 -5.62
C ILE A 33 3.39 -17.86 -4.75
N ALA A 34 2.67 -18.80 -4.12
CA ALA A 34 3.35 -19.78 -3.29
C ALA A 34 4.27 -20.64 -4.16
N ASP A 35 3.78 -21.10 -5.30
CA ASP A 35 4.58 -21.90 -6.22
C ASP A 35 5.74 -21.08 -6.83
N VAL A 36 5.51 -19.80 -7.07
CA VAL A 36 6.58 -18.93 -7.56
C VAL A 36 7.70 -18.85 -6.53
N LEU A 37 7.33 -18.61 -5.28
CA LEU A 37 8.31 -18.44 -4.20
C LEU A 37 9.02 -19.73 -3.84
N LEU A 38 8.33 -20.87 -3.99
CA LEU A 38 8.87 -22.14 -3.53
C LEU A 38 9.38 -23.03 -4.66
N LYS A 39 8.94 -22.79 -5.88
CA LYS A 39 9.31 -23.67 -6.99
C LYS A 39 10.00 -22.98 -8.16
N VAL A 40 9.80 -21.67 -8.30
CA VAL A 40 10.29 -20.97 -9.48
C VAL A 40 11.52 -20.10 -9.22
N ILE A 41 11.43 -19.21 -8.23
CA ILE A 41 12.57 -18.35 -7.92
C ILE A 41 12.95 -18.50 -6.46
N SER A 42 14.11 -17.98 -6.12
CA SER A 42 14.50 -17.83 -4.73
C SER A 42 14.56 -16.33 -4.42
N LEU A 43 13.53 -15.81 -3.75
CA LEU A 43 13.45 -14.39 -3.43
C LEU A 43 14.31 -14.10 -2.20
N GLU A 44 15.58 -13.76 -2.42
CA GLU A 44 16.54 -13.64 -1.33
C GLU A 44 16.43 -12.31 -0.58
N PHE A 45 16.04 -11.26 -1.28
CA PHE A 45 15.83 -9.97 -0.66
C PHE A 45 14.54 -9.38 -1.19
N HIS A 46 13.68 -8.96 -0.27
CA HIS A 46 12.48 -8.21 -0.61
C HIS A 46 11.99 -7.57 0.67
N PRO A 47 11.98 -6.22 0.72
CA PRO A 47 11.77 -5.47 1.96
C PRO A 47 10.38 -5.70 2.56
N THR A 48 9.40 -6.00 1.71
CA THR A 48 8.03 -6.11 2.17
C THR A 48 7.77 -7.45 2.87
N VAL A 49 8.46 -8.51 2.45
CA VAL A 49 8.12 -9.85 2.91
C VAL A 49 9.21 -10.70 3.56
N MET A 50 10.48 -10.30 3.47
CA MET A 50 11.57 -11.14 3.95
C MET A 50 11.65 -11.20 5.48
N ALA A 51 12.23 -12.28 6.00
CA ALA A 51 12.31 -12.50 7.44
C ALA A 51 13.23 -11.51 8.16
N TRP A 52 14.45 -11.31 7.63
CA TRP A 52 15.40 -10.45 8.32
C TRP A 52 15.17 -8.97 7.99
N GLU A 53 16.06 -8.11 8.49
CA GLU A 53 15.82 -6.67 8.49
C GLU A 53 17.13 -5.90 8.61
N GLY A 54 17.10 -4.62 8.25
CA GLY A 54 18.24 -3.75 8.50
C GLY A 54 19.51 -4.13 7.76
N GLU A 55 20.66 -3.82 8.37
CA GLU A 55 21.95 -4.13 7.74
C GLU A 55 22.12 -5.62 7.56
N HIS A 56 21.44 -6.41 8.40
CA HIS A 56 21.52 -7.86 8.24
C HIS A 56 20.91 -8.30 6.91
N ALA A 57 19.79 -7.70 6.54
CA ALA A 57 19.14 -8.01 5.26
C ALA A 57 20.00 -7.54 4.11
N ILE A 58 20.53 -6.32 4.23
CA ILE A 58 21.42 -5.77 3.20
C ILE A 58 22.65 -6.67 3.01
N GLU A 59 23.25 -7.09 4.12
CA GLU A 59 24.45 -7.95 4.04
C GLU A 59 24.14 -9.32 3.46
N HIS A 60 22.95 -9.85 3.76
CA HIS A 60 22.54 -11.10 3.14
C HIS A 60 22.48 -10.97 1.62
N MET A 61 21.84 -9.91 1.14
CA MET A 61 21.75 -9.67 -0.29
C MET A 61 23.16 -9.60 -0.88
N ARG A 62 24.06 -8.93 -0.17
CA ARG A 62 25.44 -8.79 -0.67
C ARG A 62 26.19 -10.12 -0.76
N LYS A 63 26.04 -10.96 0.25
CA LYS A 63 26.69 -12.27 0.24
C LYS A 63 26.17 -13.15 -0.91
N VAL A 64 24.86 -13.19 -1.10
CA VAL A 64 24.31 -13.94 -2.23
C VAL A 64 24.74 -13.33 -3.57
N ALA A 65 24.76 -12.00 -3.67
CA ALA A 65 25.16 -11.36 -4.93
C ALA A 65 26.60 -11.73 -5.30
N GLU A 66 27.45 -11.85 -4.30
CA GLU A 66 28.85 -12.17 -4.53
C GLU A 66 28.93 -13.61 -5.00
N LYS A 67 28.23 -14.49 -4.30
CA LYS A 67 28.22 -15.91 -4.65
C LYS A 67 27.64 -16.15 -6.04
N PHE A 68 26.64 -15.36 -6.44
CA PHE A 68 26.01 -15.56 -7.74
C PHE A 68 26.29 -14.41 -8.70
N LYS A 69 27.49 -13.84 -8.62
CA LYS A 69 27.86 -12.72 -9.49
C LYS A 69 27.63 -13.05 -10.97
N GLY A 70 26.96 -12.15 -11.67
CA GLY A 70 26.65 -12.37 -13.07
C GLY A 70 25.43 -13.23 -13.31
N LYS A 71 24.79 -13.71 -12.24
CA LYS A 71 23.77 -14.74 -12.39
C LYS A 71 22.46 -14.46 -11.68
N PHE A 72 22.44 -13.48 -10.78
CA PHE A 72 21.20 -13.19 -10.08
C PHE A 72 20.33 -12.23 -10.88
N PHE A 73 19.04 -12.25 -10.64
CA PHE A 73 18.14 -11.33 -11.30
C PHE A 73 17.79 -10.18 -10.35
N LEU A 74 17.75 -8.97 -10.90
CA LEU A 74 17.50 -7.78 -10.09
C LEU A 74 16.18 -7.18 -10.54
N VAL A 75 15.22 -7.15 -9.63
CA VAL A 75 13.94 -6.52 -9.94
C VAL A 75 13.94 -5.15 -9.31
N ILE A 76 13.49 -4.16 -10.06
CA ILE A 76 13.35 -2.81 -9.56
C ILE A 76 11.89 -2.42 -9.61
N GLU A 77 11.36 -2.01 -8.48
CA GLU A 77 10.01 -1.51 -8.40
C GLU A 77 10.13 -0.04 -8.04
N GLY A 78 9.53 0.83 -8.84
CA GLY A 78 9.60 2.26 -8.57
C GLY A 78 10.72 2.92 -9.36
N SER A 79 10.70 4.24 -9.44
CA SER A 79 11.72 5.00 -10.15
C SER A 79 12.94 5.30 -9.26
N VAL A 80 13.95 5.95 -9.85
CA VAL A 80 15.22 6.20 -9.17
C VAL A 80 15.49 7.70 -9.17
N PRO A 81 15.38 8.34 -7.99
CA PRO A 81 15.52 9.81 -7.97
C PRO A 81 16.98 10.23 -7.84
N VAL A 82 17.41 11.11 -8.74
CA VAL A 82 18.82 11.51 -8.79
C VAL A 82 19.10 12.86 -8.12
N GLU A 83 18.08 13.67 -7.92
CA GLU A 83 18.27 14.97 -7.29
C GLU A 83 18.71 14.86 -5.83
N ALA A 84 19.35 15.91 -5.35
CA ALA A 84 19.81 16.00 -3.97
C ALA A 84 20.69 14.81 -3.60
N ASP A 85 21.61 14.45 -4.50
CA ASP A 85 22.59 13.40 -4.24
C ASP A 85 21.91 12.09 -3.82
N GLY A 86 20.73 11.83 -4.37
CA GLY A 86 20.05 10.55 -4.19
C GLY A 86 19.21 10.45 -2.94
N LYS A 87 19.15 11.54 -2.18
CA LYS A 87 18.55 11.52 -0.85
C LYS A 87 17.02 11.42 -0.82
N TYR A 88 16.39 11.46 -1.98
CA TYR A 88 14.94 11.28 -2.03
C TYR A 88 14.51 9.82 -1.96
N CYS A 89 15.48 8.91 -1.94
CA CYS A 89 15.20 7.49 -1.72
C CYS A 89 16.37 6.77 -1.07
N ILE A 90 16.31 6.64 0.25
CA ILE A 90 17.30 5.85 0.99
C ILE A 90 16.73 4.48 1.30
N ILE A 91 17.38 3.42 0.81
CA ILE A 91 16.82 2.07 0.91
C ILE A 91 17.43 1.21 2.02
N GLY A 92 18.51 1.68 2.64
CA GLY A 92 19.13 0.91 3.69
C GLY A 92 20.35 1.61 4.26
N GLU A 93 20.86 1.05 5.35
CA GLU A 93 22.06 1.54 5.98
C GLU A 93 22.91 0.36 6.40
N ALA A 94 24.18 0.37 6.02
CA ALA A 94 25.13 -0.65 6.44
C ALA A 94 26.18 -0.02 7.36
N ASN A 95 26.15 -0.40 8.63
CA ASN A 95 27.15 0.03 9.58
C ASN A 95 27.42 1.54 9.50
N HIS A 96 26.34 2.32 9.58
CA HIS A 96 26.34 3.79 9.51
C HIS A 96 26.41 4.40 8.10
N HIS A 97 26.60 3.59 7.07
CA HIS A 97 26.65 4.10 5.69
CA HIS A 97 26.65 4.10 5.72
C HIS A 97 25.28 4.00 5.02
N GLU A 98 24.68 5.15 4.74
CA GLU A 98 23.40 5.19 4.06
C GLU A 98 23.52 4.70 2.62
N ILE A 99 22.54 3.92 2.18
CA ILE A 99 22.54 3.44 0.80
C ILE A 99 21.32 3.98 0.05
N SER A 100 21.55 4.90 -0.88
CA SER A 100 20.45 5.43 -1.68
C SER A 100 20.11 4.44 -2.80
N MET A 101 18.93 4.61 -3.40
CA MET A 101 18.58 3.82 -4.58
C MET A 101 19.62 4.00 -5.69
N VAL A 102 20.08 5.24 -5.89
CA VAL A 102 21.12 5.52 -6.85
C VAL A 102 22.36 4.65 -6.58
N ASP A 103 22.78 4.60 -5.32
CA ASP A 103 23.97 3.83 -5.00
C ASP A 103 23.73 2.32 -5.07
N ALA A 104 22.54 1.87 -4.69
CA ALA A 104 22.25 0.42 -4.76
C ALA A 104 22.24 -0.07 -6.21
N LEU A 105 21.63 0.71 -7.09
CA LEU A 105 21.61 0.34 -8.51
C LEU A 105 23.01 0.34 -9.14
N LYS A 106 23.84 1.31 -8.76
CA LYS A 106 25.24 1.36 -9.22
C LYS A 106 26.04 0.17 -8.70
N GLU A 107 25.64 -0.35 -7.54
CA GLU A 107 26.34 -1.50 -6.95
C GLU A 107 25.91 -2.82 -7.57
N PHE A 108 24.61 -3.11 -7.53
CA PHE A 108 24.08 -4.41 -7.96
C PHE A 108 23.85 -4.52 -9.47
N GLY A 109 23.48 -3.41 -10.09
CA GLY A 109 23.22 -3.38 -11.52
C GLY A 109 24.29 -3.97 -12.43
N PRO A 110 25.57 -3.67 -12.17
CA PRO A 110 26.64 -4.25 -12.99
C PRO A 110 26.75 -5.79 -12.95
N ASN A 111 26.27 -6.39 -11.88
CA ASN A 111 26.50 -7.80 -11.61
C ASN A 111 25.29 -8.71 -11.80
N ALA A 112 24.15 -8.14 -12.13
CA ALA A 112 22.96 -8.94 -12.42
C ALA A 112 23.09 -9.63 -13.78
N ALA A 113 22.45 -10.77 -13.93
CA ALA A 113 22.31 -11.38 -15.26
C ALA A 113 21.41 -10.48 -16.11
N ALA A 114 20.35 -9.97 -15.49
CA ALA A 114 19.41 -9.04 -16.12
C ALA A 114 18.73 -8.19 -15.06
N VAL A 115 18.37 -6.97 -15.43
CA VAL A 115 17.55 -6.12 -14.58
C VAL A 115 16.12 -6.12 -15.14
N LEU A 116 15.16 -6.48 -14.30
CA LEU A 116 13.77 -6.45 -14.72
C LEU A 116 13.14 -5.22 -14.10
N ALA A 117 12.80 -4.26 -14.96
CA ALA A 117 12.16 -3.04 -14.51
C ALA A 117 10.65 -3.28 -14.48
N VAL A 118 10.13 -3.53 -13.29
CA VAL A 118 8.73 -3.89 -13.13
C VAL A 118 7.87 -2.68 -12.83
N GLY A 119 6.86 -2.46 -13.67
CA GLY A 119 5.93 -1.35 -13.45
C GLY A 119 6.35 -0.12 -14.25
N THR A 120 5.39 0.77 -14.51
CA THR A 120 5.67 1.95 -15.32
C THR A 120 6.66 2.95 -14.67
N CYS A 121 6.67 3.04 -13.34
CA CYS A 121 7.65 3.88 -12.66
C CYS A 121 9.07 3.45 -13.02
N ALA A 122 9.38 2.17 -12.81
CA ALA A 122 10.72 1.67 -13.06
C ALA A 122 11.05 1.65 -14.56
N ALA A 123 10.06 1.34 -15.37
CA ALA A 123 10.32 1.19 -16.81
C ALA A 123 10.52 2.55 -17.48
N TYR A 124 9.71 3.52 -17.09
CA TYR A 124 9.60 4.76 -17.87
C TYR A 124 9.61 6.02 -17.04
N GLY A 125 9.61 5.89 -15.72
CA GLY A 125 9.55 7.05 -14.83
C GLY A 125 8.20 7.18 -14.14
N GLY A 126 7.13 7.03 -14.92
CA GLY A 126 5.80 6.96 -14.36
C GLY A 126 5.38 8.18 -13.57
N ILE A 127 4.50 7.98 -12.58
CA ILE A 127 3.96 9.09 -11.80
C ILE A 127 5.03 9.93 -11.04
N PRO A 128 6.04 9.29 -10.40
CA PRO A 128 7.09 10.09 -9.77
C PRO A 128 7.88 10.98 -10.72
N ALA A 129 7.87 10.68 -12.01
CA ALA A 129 8.57 11.53 -12.99
C ALA A 129 7.66 12.60 -13.64
N ALA A 130 6.39 12.63 -13.26
CA ALA A 130 5.38 13.39 -14.00
C ALA A 130 5.45 14.88 -13.72
N GLU A 131 4.76 15.69 -14.52
CA GLU A 131 4.79 17.14 -14.35
CA GLU A 131 4.81 17.13 -14.35
C GLU A 131 4.49 17.51 -12.91
N GLY A 132 5.27 18.46 -12.38
CA GLY A 132 5.12 18.92 -11.01
C GLY A 132 6.00 18.22 -9.98
N SER A 133 6.71 17.17 -10.40
CA SER A 133 7.63 16.47 -9.50
C SER A 133 8.97 17.17 -9.50
N GLU A 134 9.80 16.89 -8.50
CA GLU A 134 11.10 17.55 -8.44
C GLU A 134 12.20 16.70 -7.82
N THR A 135 12.06 15.39 -7.91
CA THR A 135 13.08 14.52 -7.31
C THR A 135 14.07 13.95 -8.32
N GLY A 136 13.89 14.27 -9.60
CA GLY A 136 14.73 13.70 -10.63
C GLY A 136 14.48 12.21 -10.79
N ALA A 137 13.22 11.82 -10.62
CA ALA A 137 12.78 10.43 -10.83
C ALA A 137 13.16 9.93 -12.22
N THR A 138 13.94 8.85 -12.27
CA THR A 138 14.54 8.42 -13.52
C THR A 138 14.21 6.96 -13.79
N ALA A 139 13.94 6.63 -15.05
CA ALA A 139 13.70 5.24 -15.44
C ALA A 139 14.98 4.41 -15.30
N VAL A 140 14.81 3.09 -15.11
CA VAL A 140 15.94 2.19 -14.85
C VAL A 140 16.96 2.12 -15.98
N SER A 141 16.49 1.93 -17.21
CA SER A 141 17.39 1.81 -18.35
C SER A 141 18.17 3.12 -18.60
N LYS A 142 17.50 4.26 -18.46
CA LYS A 142 18.17 5.55 -18.65
C LYS A 142 19.21 5.79 -17.55
N PHE A 143 18.86 5.43 -16.31
CA PHE A 143 19.80 5.61 -15.21
C PHE A 143 21.05 4.76 -15.39
N LEU A 144 20.84 3.48 -15.71
CA LEU A 144 21.94 2.56 -15.99
C LEU A 144 22.81 3.01 -17.15
N GLY A 145 22.16 3.47 -18.22
CA GLY A 145 22.88 3.94 -19.38
C GLY A 145 23.65 5.21 -19.09
N ASP A 146 23.05 6.14 -18.35
CA ASP A 146 23.75 7.36 -17.96
C ASP A 146 24.98 7.02 -17.13
N ASN A 147 24.95 5.89 -16.44
CA ASN A 147 26.07 5.55 -15.58
C ASN A 147 26.97 4.46 -16.13
N GLY A 148 26.87 4.22 -17.44
CA GLY A 148 27.79 3.33 -18.13
C GLY A 148 27.58 1.86 -17.85
N ILE A 149 26.42 1.53 -17.27
CA ILE A 149 26.11 0.16 -16.91
C ILE A 149 25.31 -0.51 -18.05
N LYS A 150 25.91 -1.55 -18.62
CA LYS A 150 25.41 -2.16 -19.87
C LYS A 150 24.51 -3.39 -19.70
N THR A 151 24.36 -3.85 -18.45
CA THR A 151 23.48 -4.97 -18.12
C THR A 151 22.12 -4.90 -18.83
N PRO A 152 21.66 -6.02 -19.43
CA PRO A 152 20.36 -5.93 -20.12
C PRO A 152 19.20 -5.59 -19.19
N VAL A 153 18.29 -4.76 -19.67
CA VAL A 153 17.09 -4.36 -18.94
C VAL A 153 15.85 -4.81 -19.71
N VAL A 154 14.89 -5.37 -18.98
CA VAL A 154 13.62 -5.76 -19.59
C VAL A 154 12.54 -4.99 -18.87
N ASN A 155 11.73 -4.28 -19.65
CA ASN A 155 10.64 -3.50 -19.09
C ASN A 155 9.36 -4.33 -19.05
N ILE A 156 8.73 -4.36 -17.88
CA ILE A 156 7.43 -5.00 -17.76
C ILE A 156 6.47 -3.98 -17.17
N PRO A 157 5.99 -3.07 -18.01
CA PRO A 157 5.27 -1.93 -17.43
C PRO A 157 3.80 -2.22 -17.13
N GLY A 158 3.08 -1.16 -16.84
CA GLY A 158 1.75 -1.28 -16.28
C GLY A 158 1.77 -0.61 -14.92
N CYS A 159 0.63 -0.07 -14.50
CA CYS A 159 0.58 0.61 -13.21
C CYS A 159 -0.66 0.16 -12.43
N PRO A 160 -0.63 -1.08 -11.88
CA PRO A 160 0.47 -2.06 -11.95
C PRO A 160 0.39 -2.96 -13.18
N PRO A 161 1.47 -3.71 -13.47
CA PRO A 161 1.40 -4.76 -14.47
C PRO A 161 0.41 -5.83 -13.98
N HIS A 162 -0.09 -6.63 -14.90
CA HIS A 162 -0.83 -7.85 -14.56
C HIS A 162 0.19 -8.84 -14.02
N PRO A 163 -0.17 -9.61 -12.97
CA PRO A 163 0.77 -10.62 -12.46
C PRO A 163 1.28 -11.53 -13.58
N ASP A 164 0.44 -11.83 -14.56
CA ASP A 164 0.85 -12.69 -15.67
C ASP A 164 1.99 -12.07 -16.51
N TRP A 165 2.06 -10.74 -16.56
CA TRP A 165 3.12 -10.10 -17.32
C TRP A 165 4.45 -10.26 -16.60
N ILE A 166 4.40 -10.13 -15.27
CA ILE A 166 5.61 -10.30 -14.47
C ILE A 166 6.07 -11.76 -14.45
N VAL A 167 5.22 -12.66 -13.98
CA VAL A 167 5.59 -14.08 -13.88
C VAL A 167 5.95 -14.64 -15.26
N GLY A 168 5.15 -14.27 -16.25
CA GLY A 168 5.35 -14.71 -17.62
C GLY A 168 6.69 -14.29 -18.20
N THR A 169 7.13 -13.08 -17.88
CA THR A 169 8.41 -12.61 -18.40
C THR A 169 9.57 -13.31 -17.71
N VAL A 170 9.45 -13.45 -16.38
CA VAL A 170 10.43 -14.21 -15.60
C VAL A 170 10.60 -15.63 -16.13
N VAL A 171 9.47 -16.32 -16.33
CA VAL A 171 9.49 -17.71 -16.78
C VAL A 171 10.05 -17.81 -18.20
N LEU A 172 9.64 -16.89 -19.06
CA LEU A 172 10.17 -16.78 -20.41
C LEU A 172 11.70 -16.69 -20.39
N ALA A 173 12.21 -15.78 -19.57
CA ALA A 173 13.66 -15.56 -19.50
C ALA A 173 14.39 -16.77 -18.92
N LEU A 174 13.85 -17.34 -17.85
CA LEU A 174 14.41 -18.53 -17.23
C LEU A 174 14.43 -19.73 -18.19
N ASP A 175 13.35 -19.90 -18.95
CA ASP A 175 13.30 -20.96 -19.94
C ASP A 175 14.33 -20.73 -21.03
N ALA A 176 14.45 -19.49 -21.50
CA ALA A 176 15.38 -19.16 -22.57
C ALA A 176 16.82 -19.44 -22.13
N ILE A 177 17.09 -19.19 -20.85
CA ILE A 177 18.43 -19.43 -20.31
C ILE A 177 18.71 -20.92 -20.13
N LYS A 178 17.69 -21.72 -19.85
CA LYS A 178 17.89 -23.15 -19.68
C LYS A 178 18.10 -23.88 -21.02
N LYS A 179 17.65 -23.28 -22.11
CA LYS A 179 17.73 -23.91 -23.42
C LYS A 179 18.83 -23.35 -24.30
N ASN A 180 19.52 -22.31 -23.84
CA ASN A 180 20.55 -21.69 -24.66
C ASN A 180 21.76 -21.25 -23.85
N GLY A 181 21.72 -21.52 -22.55
CA GLY A 181 22.73 -21.02 -21.64
C GLY A 181 22.47 -19.54 -21.38
N LEU A 182 23.24 -18.95 -20.47
CA LEU A 182 23.01 -17.58 -20.02
C LEU A 182 23.05 -16.56 -21.15
N GLU A 183 24.16 -16.52 -21.89
CA GLU A 183 24.36 -15.53 -22.93
C GLU A 183 23.35 -15.68 -24.06
N GLY A 184 23.20 -16.91 -24.55
CA GLY A 184 22.22 -17.20 -25.58
C GLY A 184 20.80 -16.92 -25.14
N GLY A 185 20.50 -17.24 -23.88
CA GLY A 185 19.18 -17.02 -23.31
C GLY A 185 18.77 -15.57 -23.34
N LEU A 186 19.68 -14.70 -22.90
CA LEU A 186 19.40 -13.27 -22.84
C LEU A 186 19.23 -12.71 -24.24
N ALA A 187 20.05 -13.19 -25.18
CA ALA A 187 19.95 -12.75 -26.56
C ALA A 187 18.58 -13.11 -27.11
N GLU A 188 18.06 -14.24 -26.65
CA GLU A 188 16.74 -14.70 -27.06
C GLU A 188 15.64 -13.81 -26.48
N VAL A 189 15.85 -13.35 -25.24
CA VAL A 189 14.89 -12.46 -24.60
C VAL A 189 14.86 -11.09 -25.30
N VAL A 190 16.04 -10.56 -25.57
CA VAL A 190 16.15 -9.24 -26.21
C VAL A 190 15.37 -9.21 -27.53
N LYS A 191 15.40 -10.33 -28.24
CA LYS A 191 14.76 -10.48 -29.53
C LYS A 191 13.25 -10.27 -29.51
N VAL A 192 12.60 -10.58 -28.38
CA VAL A 192 11.13 -10.48 -28.29
C VAL A 192 10.64 -9.21 -27.62
N LEU A 193 11.54 -8.25 -27.45
CA LEU A 193 11.19 -6.95 -26.87
C LEU A 193 10.82 -5.97 -27.99
N ASP A 194 9.85 -5.11 -27.72
CA ASP A 194 9.51 -4.07 -28.68
C ASP A 194 10.44 -2.88 -28.48
N SER A 195 10.16 -1.77 -29.15
CA SER A 195 11.08 -0.63 -29.10
C SER A 195 11.09 0.06 -27.75
N ASP A 196 10.12 -0.26 -26.91
CA ASP A 196 10.10 0.28 -25.55
C ASP A 196 10.54 -0.74 -24.52
N GLY A 197 11.23 -1.78 -24.97
CA GLY A 197 11.74 -2.83 -24.09
C GLY A 197 10.73 -3.82 -23.49
N ARG A 198 9.50 -3.83 -24.01
CA ARG A 198 8.43 -4.68 -23.48
C ARG A 198 8.31 -5.98 -24.24
N PRO A 199 8.11 -7.10 -23.52
CA PRO A 199 7.98 -8.37 -24.24
C PRO A 199 6.72 -8.41 -25.09
N THR A 200 6.90 -8.69 -26.38
CA THR A 200 5.76 -8.75 -27.28
C THR A 200 4.68 -9.80 -26.96
N PRO A 201 5.04 -10.90 -26.26
CA PRO A 201 3.93 -11.80 -25.94
C PRO A 201 2.81 -11.15 -25.14
N PHE A 202 3.11 -10.08 -24.41
CA PHE A 202 2.10 -9.44 -23.57
C PHE A 202 1.71 -8.06 -24.08
N PHE A 203 2.66 -7.38 -24.73
CA PHE A 203 2.47 -5.99 -25.13
C PHE A 203 2.50 -5.80 -26.67
N GLY A 204 2.32 -6.89 -27.42
CA GLY A 204 2.42 -6.81 -28.87
C GLY A 204 1.12 -6.47 -29.59
N ARG A 205 0.00 -6.47 -28.86
CA ARG A 205 -1.28 -6.15 -29.47
C ARG A 205 -1.91 -4.90 -28.86
N ASN A 206 -2.64 -4.16 -29.68
CA ASN A 206 -3.32 -2.93 -29.26
C ASN A 206 -4.67 -3.27 -28.59
N ILE A 207 -4.99 -2.61 -27.49
CA ILE A 207 -6.27 -2.85 -26.80
C ILE A 207 -7.47 -2.57 -27.71
N HIS A 208 -7.50 -1.37 -28.29
CA HIS A 208 -8.60 -0.91 -29.13
C HIS A 208 -8.90 -1.82 -30.33
N GLU A 209 -7.86 -2.31 -31.00
CA GLU A 209 -8.06 -3.15 -32.19
C GLU A 209 -8.76 -4.45 -31.85
N ASN A 210 -8.63 -4.88 -30.60
CA ASN A 210 -9.22 -6.11 -30.12
C ASN A 210 -10.32 -5.88 -29.10
N CYS A 211 -10.85 -4.67 -29.03
CA CYS A 211 -11.86 -4.36 -28.01
C CYS A 211 -13.23 -4.88 -28.42
N PRO A 212 -13.98 -5.44 -27.45
CA PRO A 212 -15.33 -5.93 -27.74
C PRO A 212 -16.29 -4.78 -28.08
N TYR A 213 -15.87 -3.54 -27.82
CA TYR A 213 -16.72 -2.37 -28.10
C TYR A 213 -16.36 -1.64 -29.41
N LEU A 214 -15.41 -2.19 -30.15
CA LEU A 214 -14.97 -1.61 -31.43
C LEU A 214 -16.11 -1.40 -32.42
N ASP A 215 -17.08 -2.32 -32.47
CA ASP A 215 -18.24 -2.15 -33.33
C ASP A 215 -19.02 -0.89 -32.97
N LYS A 216 -19.16 -0.61 -31.68
CA LYS A 216 -19.83 0.59 -31.21
C LYS A 216 -19.05 1.85 -31.58
N TYR A 217 -17.73 1.78 -31.46
CA TYR A 217 -16.84 2.88 -31.83
C TYR A 217 -17.04 3.22 -33.30
N ASP A 218 -17.02 2.18 -34.15
CA ASP A 218 -17.19 2.37 -35.59
C ASP A 218 -18.57 2.92 -35.97
N GLU A 219 -19.61 2.55 -35.21
CA GLU A 219 -20.94 3.13 -35.43
C GLU A 219 -21.09 4.52 -34.81
N GLY A 220 -20.15 4.93 -33.96
CA GLY A 220 -20.23 6.25 -33.36
C GLY A 220 -21.25 6.27 -32.22
N VAL A 221 -21.44 5.13 -31.58
CA VAL A 221 -22.32 5.04 -30.42
C VAL A 221 -21.46 5.11 -29.14
N MET A 222 -21.47 6.27 -28.49
CA MET A 222 -20.65 6.48 -27.29
CA MET A 222 -20.66 6.51 -27.29
C MET A 222 -21.50 6.60 -26.01
N SER A 223 -21.10 5.88 -24.97
CA SER A 223 -21.71 6.07 -23.65
C SER A 223 -21.49 7.50 -23.14
N ALA A 224 -22.52 8.10 -22.55
CA ALA A 224 -22.46 9.44 -21.98
C ALA A 224 -22.29 9.39 -20.46
N THR A 225 -22.56 8.23 -19.88
CA THR A 225 -22.34 8.02 -18.45
C THR A 225 -21.61 6.70 -18.30
N PHE A 226 -20.77 6.61 -17.27
CA PHE A 226 -19.93 5.43 -17.06
C PHE A 226 -20.73 4.12 -17.01
N THR A 227 -21.89 4.18 -16.36
CA THR A 227 -22.70 2.97 -16.12
C THR A 227 -23.48 2.48 -17.33
N ASP A 228 -23.42 3.22 -18.44
CA ASP A 228 -23.97 2.71 -19.69
C ASP A 228 -22.93 1.79 -20.30
N LYS A 229 -23.15 0.48 -20.25
CA LYS A 229 -22.12 -0.44 -20.70
C LYS A 229 -22.28 -0.85 -22.16
N VAL A 230 -23.26 -0.28 -22.86
CA VAL A 230 -23.50 -0.66 -24.25
C VAL A 230 -22.56 0.04 -25.23
N GLY A 231 -22.35 1.33 -25.03
CA GLY A 231 -21.57 2.12 -25.98
C GLY A 231 -20.05 2.02 -25.79
N CYS A 232 -19.33 2.53 -26.78
CA CYS A 232 -17.88 2.72 -26.68
C CYS A 232 -17.58 3.75 -25.59
N ARG A 233 -16.42 3.62 -24.94
CA ARG A 233 -16.04 4.48 -23.80
C ARG A 233 -15.13 5.66 -24.22
N TYR A 234 -14.97 5.85 -25.53
CA TYR A 234 -14.10 6.88 -26.08
C TYR A 234 -14.38 8.31 -25.58
N ASP A 235 -15.63 8.73 -25.61
CA ASP A 235 -15.99 10.06 -25.10
C ASP A 235 -15.74 10.22 -23.59
N LEU A 236 -15.78 9.11 -22.85
CA LEU A 236 -15.52 9.14 -21.40
C LEU A 236 -14.02 9.14 -21.11
N GLY A 237 -13.21 9.05 -22.15
CA GLY A 237 -11.77 9.24 -22.00
C GLY A 237 -10.89 8.03 -22.26
N CYS A 238 -11.49 6.98 -22.81
CA CYS A 238 -10.75 5.73 -23.02
C CYS A 238 -9.50 5.89 -23.91
N LYS A 239 -8.37 5.41 -23.40
CA LYS A 239 -7.08 5.49 -24.09
C LYS A 239 -6.69 4.18 -24.77
N GLY A 240 -7.63 3.25 -24.87
CA GLY A 240 -7.42 2.02 -25.63
C GLY A 240 -6.73 2.23 -26.98
N PRO A 241 -7.21 3.19 -27.79
CA PRO A 241 -6.59 3.40 -29.10
C PRO A 241 -5.08 3.60 -29.08
N MET A 242 -4.53 4.07 -27.96
CA MET A 242 -3.11 4.41 -27.86
CA MET A 242 -3.11 4.38 -27.90
C MET A 242 -2.34 3.43 -26.97
N THR A 243 -2.95 2.29 -26.65
CA THR A 243 -2.39 1.43 -25.61
C THR A 243 -2.10 -0.02 -26.02
N MET A 244 -0.90 -0.50 -25.71
CA MET A 244 -0.44 -1.82 -26.16
C MET A 244 -0.41 -2.86 -25.02
N ALA A 245 -1.50 -3.60 -24.85
CA ALA A 245 -1.55 -4.61 -23.78
C ALA A 245 -2.66 -5.60 -24.06
N ASP A 246 -2.68 -6.71 -23.33
CA ASP A 246 -3.61 -7.79 -23.65
C ASP A 246 -4.74 -7.95 -22.62
N CYS A 247 -5.03 -6.89 -21.88
CA CYS A 247 -6.07 -6.91 -20.84
C CYS A 247 -7.43 -7.33 -21.38
N PHE A 248 -7.68 -7.05 -22.66
CA PHE A 248 -8.96 -7.35 -23.28
C PHE A 248 -9.27 -8.84 -23.26
N GLU A 249 -8.20 -9.64 -23.16
CA GLU A 249 -8.33 -11.10 -23.28
C GLU A 249 -8.10 -11.76 -21.94
N ARG A 250 -6.96 -11.44 -21.35
CA ARG A 250 -6.54 -11.91 -20.05
C ARG A 250 -7.48 -11.41 -18.96
N LYS A 251 -7.86 -10.14 -19.07
CA LYS A 251 -8.61 -9.44 -18.03
C LYS A 251 -7.86 -9.38 -16.70
N TRP A 252 -8.56 -9.09 -15.60
CA TRP A 252 -7.87 -8.79 -14.35
C TRP A 252 -8.42 -9.56 -13.15
N ASN A 253 -7.53 -9.81 -12.18
CA ASN A 253 -7.90 -10.42 -10.92
C ASN A 253 -8.71 -11.69 -11.09
N GLY A 254 -8.15 -12.66 -11.80
CA GLY A 254 -8.84 -13.93 -12.02
C GLY A 254 -9.98 -13.81 -13.01
N GLY A 255 -9.85 -12.89 -13.97
CA GLY A 255 -10.83 -12.72 -15.03
C GLY A 255 -12.16 -12.05 -14.64
N VAL A 256 -12.26 -11.52 -13.42
CA VAL A 256 -13.56 -10.98 -12.98
C VAL A 256 -13.96 -9.65 -13.61
N ASN A 257 -13.00 -8.90 -14.15
CA ASN A 257 -13.30 -7.58 -14.71
C ASN A 257 -12.08 -7.06 -15.48
N TRP A 258 -12.22 -5.89 -16.10
CA TRP A 258 -11.07 -5.19 -16.67
C TRP A 258 -11.47 -3.75 -16.88
N CYS A 259 -10.48 -2.89 -17.11
CA CYS A 259 -10.70 -1.47 -16.99
C CYS A 259 -11.74 -0.95 -17.95
N VAL A 260 -11.70 -1.46 -19.18
CA VAL A 260 -12.60 -0.93 -20.22
C VAL A 260 -14.06 -1.32 -19.93
N GLN A 261 -14.29 -2.54 -19.47
CA GLN A 261 -15.63 -2.95 -19.10
C GLN A 261 -16.16 -2.14 -17.91
N ASN A 262 -15.30 -1.90 -16.94
CA ASN A 262 -15.68 -1.27 -15.68
C ASN A 262 -15.77 0.26 -15.77
N ALA A 263 -14.84 0.85 -16.52
CA ALA A 263 -14.72 2.31 -16.62
C ALA A 263 -14.04 2.67 -17.93
N VAL A 264 -12.77 3.07 -17.87
CA VAL A 264 -12.00 3.35 -19.08
C VAL A 264 -10.58 2.80 -18.96
N CYS A 265 -9.93 2.56 -20.09
CA CYS A 265 -8.48 2.32 -20.09
C CYS A 265 -7.76 3.68 -19.92
N ILE A 266 -6.72 3.73 -19.09
CA ILE A 266 -6.01 4.98 -18.85
C ILE A 266 -4.59 4.94 -19.41
N GLY A 267 -4.26 3.88 -20.15
CA GLY A 267 -3.00 3.79 -20.87
C GLY A 267 -1.81 3.50 -19.98
N CYS A 268 -2.01 2.68 -18.93
CA CYS A 268 -1.06 2.60 -17.82
C CYS A 268 0.28 1.95 -18.16
N VAL A 269 0.31 1.22 -19.28
CA VAL A 269 1.50 0.49 -19.72
C VAL A 269 2.37 1.33 -20.66
N GLU A 270 1.93 2.55 -20.98
CA GLU A 270 2.61 3.37 -21.99
C GLU A 270 3.69 4.28 -21.41
N PRO A 271 4.78 4.52 -22.18
CA PRO A 271 5.91 5.33 -21.71
C PRO A 271 5.54 6.75 -21.28
N ASP A 272 4.44 7.30 -21.83
CA ASP A 272 4.03 8.66 -21.49
C ASP A 272 3.01 8.70 -20.34
N PHE A 273 2.82 7.59 -19.66
CA PHE A 273 1.88 7.57 -18.56
C PHE A 273 2.52 8.19 -17.30
N PRO A 274 1.80 9.13 -16.64
CA PRO A 274 0.41 9.53 -16.90
C PRO A 274 0.20 10.75 -17.79
N ASP A 275 1.16 11.68 -17.88
CA ASP A 275 0.88 13.00 -18.45
C ASP A 275 0.33 12.92 -19.87
N GLY A 276 0.84 11.99 -20.65
CA GLY A 276 0.44 11.84 -22.03
C GLY A 276 -0.91 11.16 -22.18
N LYS A 277 -1.44 10.62 -21.07
CA LYS A 277 -2.74 9.98 -21.09
C LYS A 277 -3.78 10.82 -20.35
N SER A 278 -3.38 12.02 -19.96
CA SER A 278 -4.25 12.88 -19.17
C SER A 278 -4.77 14.01 -20.05
N PRO A 279 -5.96 14.54 -19.75
CA PRO A 279 -6.90 14.12 -18.70
C PRO A 279 -7.48 12.73 -18.97
N PHE A 280 -7.70 11.96 -17.91
CA PHE A 280 -8.14 10.58 -18.09
C PHE A 280 -9.59 10.50 -18.54
N TYR A 281 -10.37 11.51 -18.18
CA TYR A 281 -11.82 11.41 -18.36
C TYR A 281 -12.38 12.33 -19.43
N GLN A 282 -11.57 12.58 -20.46
CA GLN A 282 -12.11 13.14 -21.69
C GLN A 282 -11.13 12.81 -22.81
N ALA A 283 -11.65 12.82 -24.04
CA ALA A 283 -10.84 12.48 -25.19
C ALA A 283 -9.73 13.52 -25.34
N GLY B 4 27.30 1.65 28.57
CA GLY B 4 25.98 1.93 29.10
C GLY B 4 24.91 1.94 28.02
N ARG B 5 24.84 3.04 27.27
CA ARG B 5 23.85 3.15 26.20
C ARG B 5 24.38 2.63 24.88
N THR B 6 23.49 2.00 24.13
CA THR B 6 23.80 1.49 22.81
C THR B 6 22.78 2.04 21.85
N THR B 7 23.26 2.56 20.73
CA THR B 7 22.33 3.00 19.69
C THR B 7 22.22 1.94 18.61
N ILE B 8 20.98 1.60 18.26
CA ILE B 8 20.73 0.58 17.25
C ILE B 8 19.95 1.24 16.12
N ALA B 9 20.48 1.13 14.91
CA ALA B 9 19.84 1.66 13.72
C ALA B 9 19.41 0.51 12.83
N ILE B 10 18.16 0.54 12.36
CA ILE B 10 17.61 -0.52 11.54
C ILE B 10 17.08 0.10 10.26
N ASP B 11 17.78 -0.13 9.14
CA ASP B 11 17.36 0.42 7.86
C ASP B 11 17.82 -0.57 6.79
N PRO B 12 16.88 -1.20 6.06
CA PRO B 12 15.43 -1.00 6.11
C PRO B 12 14.72 -1.77 7.22
N VAL B 13 13.70 -1.16 7.80
CA VAL B 13 12.76 -1.95 8.58
C VAL B 13 11.93 -2.72 7.59
N THR B 14 11.92 -4.05 7.72
CA THR B 14 11.28 -4.91 6.74
C THR B 14 9.93 -5.38 7.25
N ARG B 15 9.16 -5.97 6.34
CA ARG B 15 7.80 -6.45 6.62
C ARG B 15 6.90 -5.33 7.15
N ILE B 16 7.05 -4.19 6.48
CA ILE B 16 6.15 -3.06 6.57
C ILE B 16 6.00 -2.68 5.10
N GLU B 17 5.16 -1.70 4.78
CA GLU B 17 5.18 -1.09 3.45
C GLU B 17 6.13 0.10 3.49
N GLY B 18 6.99 0.20 2.50
CA GLY B 18 7.77 1.42 2.28
C GLY B 18 9.09 1.49 3.01
N HIS B 19 9.73 2.65 2.92
CA HIS B 19 11.08 2.86 3.42
C HIS B 19 11.07 3.51 4.78
N LEU B 20 11.53 2.77 5.78
CA LEU B 20 11.57 3.27 7.14
C LEU B 20 12.89 2.89 7.79
N LYS B 21 13.52 3.86 8.43
CA LYS B 21 14.67 3.60 9.30
C LYS B 21 14.24 3.88 10.74
N ALA B 22 14.55 2.95 11.62
CA ALA B 22 14.34 3.15 13.05
C ALA B 22 15.67 3.29 13.77
N GLU B 23 15.81 4.33 14.58
CA GLU B 23 16.98 4.45 15.42
C GLU B 23 16.53 4.45 16.87
N VAL B 24 17.06 3.54 17.68
CA VAL B 24 16.77 3.58 19.11
C VAL B 24 18.01 3.58 19.98
N VAL B 25 17.87 4.13 21.18
CA VAL B 25 18.89 4.04 22.20
C VAL B 25 18.40 3.06 23.27
N VAL B 26 19.24 2.11 23.63
CA VAL B 26 18.92 1.07 24.61
C VAL B 26 19.82 1.23 25.81
N GLU B 27 19.21 1.18 27.00
CA GLU B 27 19.92 1.27 28.25
C GLU B 27 19.23 0.36 29.25
N ASN B 28 20.03 -0.45 29.94
CA ASN B 28 19.55 -1.44 30.90
C ASN B 28 18.39 -2.26 30.33
N GLY B 29 18.59 -2.78 29.12
CA GLY B 29 17.65 -3.70 28.51
C GLY B 29 16.33 -3.10 28.07
N LYS B 30 16.29 -1.77 27.94
CA LYS B 30 15.05 -1.07 27.57
C LYS B 30 15.35 0.05 26.57
N VAL B 31 14.44 0.24 25.62
CA VAL B 31 14.51 1.41 24.76
C VAL B 31 14.22 2.65 25.59
N VAL B 32 15.11 3.64 25.51
CA VAL B 32 14.94 4.88 26.25
C VAL B 32 14.81 6.10 25.34
N ASP B 33 15.03 5.92 24.04
CA ASP B 33 14.73 6.98 23.07
C ASP B 33 14.56 6.39 21.68
N ALA B 34 13.90 7.12 20.78
CA ALA B 34 13.58 6.58 19.48
C ALA B 34 13.43 7.69 18.44
N ARG B 35 13.83 7.38 17.21
CA ARG B 35 13.62 8.26 16.05
C ARG B 35 13.19 7.38 14.88
N LEU B 36 12.14 7.79 14.15
CA LEU B 36 11.75 7.08 12.93
C LEU B 36 11.93 7.97 11.72
N SER B 37 12.61 7.46 10.70
CA SER B 37 12.88 8.21 9.48
CA SER B 37 12.86 8.22 9.48
C SER B 37 12.16 7.65 8.26
N GLY B 38 11.30 8.45 7.64
CA GLY B 38 10.72 8.09 6.37
C GLY B 38 11.70 8.50 5.29
N GLY B 39 12.32 7.54 4.60
CA GLY B 39 13.43 7.88 3.73
C GLY B 39 13.16 7.96 2.24
N MET B 40 11.89 7.94 1.85
CA MET B 40 11.56 8.08 0.42
C MET B 40 10.43 9.09 0.21
N TYR B 41 10.63 9.98 -0.76
CA TYR B 41 9.69 11.05 -1.05
C TYR B 41 9.38 11.08 -2.55
N ARG B 42 8.10 11.27 -2.89
CA ARG B 42 7.67 11.42 -4.29
C ARG B 42 7.03 12.78 -4.61
N GLY B 43 6.24 13.32 -3.68
CA GLY B 43 5.69 14.66 -3.85
C GLY B 43 4.37 14.78 -4.59
N PHE B 44 3.44 13.88 -4.28
CA PHE B 44 2.14 13.81 -4.94
C PHE B 44 1.37 15.12 -4.85
N GLU B 45 1.58 15.84 -3.77
CA GLU B 45 0.91 17.10 -3.54
C GLU B 45 1.32 18.17 -4.55
N THR B 46 2.57 18.12 -5.03
CA THR B 46 2.97 19.06 -6.09
C THR B 46 2.66 18.50 -7.49
N ILE B 47 2.79 17.18 -7.63
CA ILE B 47 2.56 16.51 -8.91
C ILE B 47 1.11 16.72 -9.38
N LEU B 48 0.19 16.75 -8.42
CA LEU B 48 -1.24 16.91 -8.73
C LEU B 48 -1.61 18.31 -9.22
N ARG B 49 -0.82 19.32 -8.88
CA ARG B 49 -1.19 20.68 -9.23
C ARG B 49 -1.31 20.86 -10.73
N GLY B 50 -2.35 21.57 -11.18
CA GLY B 50 -2.50 21.91 -12.58
C GLY B 50 -3.32 20.92 -13.39
N ARG B 51 -3.71 19.80 -12.78
CA ARG B 51 -4.45 18.76 -13.50
C ARG B 51 -5.97 18.96 -13.43
N ASP B 52 -6.67 18.39 -14.40
CA ASP B 52 -8.12 18.16 -14.31
C ASP B 52 -8.37 17.45 -12.99
N PRO B 53 -9.22 18.02 -12.12
CA PRO B 53 -9.38 17.44 -10.78
C PRO B 53 -9.88 15.98 -10.82
N ARG B 54 -10.60 15.62 -11.87
CA ARG B 54 -11.12 14.26 -12.00
C ARG B 54 -9.96 13.24 -12.09
N ASP B 55 -8.82 13.69 -12.59
CA ASP B 55 -7.61 12.88 -12.62
C ASP B 55 -7.12 12.47 -11.23
N ALA B 56 -7.46 13.25 -10.20
CA ALA B 56 -6.90 12.99 -8.88
C ALA B 56 -7.24 11.60 -8.38
N SER B 57 -8.47 11.16 -8.64
CA SER B 57 -8.92 9.88 -8.10
C SER B 57 -8.18 8.68 -8.73
N GLN B 58 -7.47 8.92 -9.83
CA GLN B 58 -6.54 7.91 -10.36
C GLN B 58 -5.12 8.13 -9.84
N ILE B 59 -4.62 9.36 -9.94
CA ILE B 59 -3.25 9.69 -9.53
C ILE B 59 -2.97 9.36 -8.05
N VAL B 60 -3.90 9.70 -7.17
CA VAL B 60 -3.66 9.50 -5.74
C VAL B 60 -3.54 8.05 -5.30
N GLN B 61 -4.08 7.12 -6.07
CA GLN B 61 -4.00 5.73 -5.68
C GLN B 61 -2.58 5.21 -5.73
N ARG B 62 -1.77 5.81 -6.61
CA ARG B 62 -0.39 5.41 -6.77
C ARG B 62 0.48 5.85 -5.60
N ILE B 63 -0.11 6.54 -4.63
CA ILE B 63 0.58 6.76 -3.36
C ILE B 63 0.91 5.40 -2.71
N OCS B 64 0.05 4.41 -2.90
CA OCS B 64 0.20 3.17 -2.15
CB OCS B 64 -0.32 3.40 -0.73
SG OCS B 64 0.25 2.21 0.33
C OCS B 64 -0.60 2.04 -2.82
O OCS B 64 -1.99 2.24 -2.92
OD1 OCS B 64 -0.18 0.94 -0.17
OD2 OCS B 64 1.68 2.28 0.33
N GLY B 65 0.02 0.94 -3.22
CA GLY B 65 -0.70 -0.11 -3.88
C GLY B 65 -1.18 -1.19 -2.93
N VAL B 66 -0.95 -0.98 -1.64
CA VAL B 66 -1.56 -1.82 -0.61
C VAL B 66 -2.88 -1.21 -0.18
N CYS B 67 -2.92 0.10 0.02
CA CYS B 67 -4.16 0.78 0.38
C CYS B 67 -4.71 1.77 -0.68
N PRO B 68 -4.74 1.41 -1.98
CA PRO B 68 -5.17 2.44 -2.93
C PRO B 68 -6.65 2.80 -2.84
N THR B 69 -7.51 1.84 -2.51
CA THR B 69 -8.93 2.14 -2.38
C THR B 69 -9.19 3.22 -1.33
N ALA B 70 -8.34 3.26 -0.31
CA ALA B 70 -8.46 4.31 0.70
C ALA B 70 -8.27 5.73 0.10
N HIS B 71 -7.22 5.90 -0.68
CA HIS B 71 -6.97 7.20 -1.30
C HIS B 71 -8.00 7.49 -2.38
N SER B 72 -8.41 6.47 -3.12
CA SER B 72 -9.48 6.60 -4.08
C SER B 72 -10.73 7.18 -3.40
N THR B 73 -11.10 6.59 -2.26
CA THR B 73 -12.28 7.01 -1.52
C THR B 73 -12.16 8.45 -1.00
N ALA B 74 -11.06 8.75 -0.30
CA ALA B 74 -10.85 10.09 0.21
C ALA B 74 -10.92 11.10 -0.94
N SER B 75 -10.33 10.73 -2.07
CA SER B 75 -10.26 11.64 -3.20
C SER B 75 -11.65 11.90 -3.81
N VAL B 76 -12.40 10.85 -4.12
CA VAL B 76 -13.73 11.06 -4.70
C VAL B 76 -14.70 11.76 -3.72
N LEU B 77 -14.56 11.51 -2.42
CA LEU B 77 -15.34 12.27 -1.44
C LEU B 77 -15.02 13.77 -1.50
N ALA B 78 -13.73 14.13 -1.55
CA ALA B 78 -13.32 15.53 -1.73
C ALA B 78 -13.90 16.09 -3.02
N LEU B 79 -13.82 15.33 -4.10
CA LEU B 79 -14.30 15.78 -5.39
C LEU B 79 -15.82 15.94 -5.35
N ASP B 80 -16.50 15.02 -4.66
CA ASP B 80 -17.96 15.07 -4.55
C ASP B 80 -18.38 16.42 -3.98
N GLU B 81 -17.72 16.83 -2.90
CA GLU B 81 -18.00 18.11 -2.28
C GLU B 81 -17.64 19.27 -3.22
N ALA B 82 -16.44 19.25 -3.78
CA ALA B 82 -16.04 20.34 -4.69
C ALA B 82 -16.92 20.46 -5.92
N PHE B 83 -17.49 19.35 -6.39
CA PHE B 83 -18.25 19.35 -7.65
C PHE B 83 -19.74 19.50 -7.41
N GLY B 84 -20.15 19.47 -6.15
CA GLY B 84 -21.56 19.49 -5.80
C GLY B 84 -22.32 18.25 -6.24
N ALA B 85 -21.64 17.11 -6.32
CA ALA B 85 -22.25 15.89 -6.82
C ALA B 85 -22.92 15.10 -5.71
N LYS B 86 -24.15 14.62 -5.98
CA LYS B 86 -24.86 13.80 -5.01
C LYS B 86 -24.79 12.34 -5.45
N VAL B 87 -23.96 11.56 -4.76
CA VAL B 87 -23.81 10.14 -5.05
C VAL B 87 -25.15 9.43 -4.83
N PRO B 88 -25.65 8.73 -5.87
CA PRO B 88 -26.88 7.93 -5.71
C PRO B 88 -26.72 6.87 -4.62
N ASN B 89 -27.80 6.60 -3.90
CA ASN B 89 -27.82 5.58 -2.87
C ASN B 89 -27.04 4.32 -3.20
N ASN B 90 -27.32 3.75 -4.38
CA ASN B 90 -26.74 2.48 -4.79
C ASN B 90 -25.24 2.61 -5.07
N GLY B 91 -24.81 3.83 -5.38
CA GLY B 91 -23.41 4.10 -5.65
C GLY B 91 -22.62 4.17 -4.35
N ARG B 92 -23.27 4.67 -3.31
CA ARG B 92 -22.68 4.74 -1.98
C ARG B 92 -22.42 3.33 -1.47
N ILE B 93 -23.40 2.44 -1.67
CA ILE B 93 -23.26 1.08 -1.20
C ILE B 93 -22.17 0.33 -1.98
N THR B 94 -22.11 0.59 -3.30
CA THR B 94 -21.14 -0.08 -4.18
C THR B 94 -19.72 0.32 -3.78
N ARG B 95 -19.53 1.60 -3.48
CA ARG B 95 -18.25 2.11 -3.02
C ARG B 95 -17.85 1.36 -1.75
N ASN B 96 -18.80 1.19 -0.82
CA ASN B 96 -18.55 0.44 0.40
C ASN B 96 -18.10 -1.00 0.13
N LEU B 97 -18.73 -1.67 -0.84
CA LEU B 97 -18.37 -3.05 -1.15
C LEU B 97 -16.97 -3.15 -1.79
N ILE B 98 -16.63 -2.19 -2.65
CA ILE B 98 -15.30 -2.10 -3.25
C ILE B 98 -14.24 -1.91 -2.16
N PHE B 99 -14.44 -0.87 -1.33
CA PHE B 99 -13.45 -0.46 -0.32
C PHE B 99 -13.39 -1.48 0.84
N GLY B 100 -14.55 -1.91 1.31
CA GLY B 100 -14.63 -2.84 2.42
C GLY B 100 -13.87 -4.14 2.15
N ALA B 101 -13.96 -4.63 0.93
CA ALA B 101 -13.22 -5.83 0.51
C ALA B 101 -11.71 -5.68 0.70
N ASN B 102 -11.18 -4.47 0.50
CA ASN B 102 -9.75 -4.29 0.69
C ASN B 102 -9.32 -4.18 2.14
N TYR B 103 -10.24 -3.83 3.03
CA TYR B 103 -9.94 -3.88 4.45
C TYR B 103 -9.61 -5.33 4.78
N LEU B 104 -10.39 -6.24 4.25
CA LEU B 104 -10.16 -7.67 4.46
C LEU B 104 -8.79 -8.08 3.89
N GLN B 105 -8.50 -7.68 2.66
CA GLN B 105 -7.20 -7.98 2.06
C GLN B 105 -6.02 -7.46 2.87
N SER B 106 -6.13 -6.20 3.30
CA SER B 106 -5.03 -5.50 3.93
C SER B 106 -4.74 -6.02 5.35
N HIS B 107 -5.77 -6.29 6.15
CA HIS B 107 -5.52 -6.79 7.51
C HIS B 107 -4.98 -8.24 7.47
N ILE B 108 -5.52 -9.05 6.56
CA ILE B 108 -5.02 -10.41 6.37
C ILE B 108 -3.57 -10.41 5.86
N LEU B 109 -3.28 -9.59 4.85
CA LEU B 109 -1.90 -9.42 4.40
C LEU B 109 -1.01 -9.01 5.56
N HIS B 110 -1.44 -8.00 6.32
CA HIS B 110 -0.58 -7.52 7.39
C HIS B 110 -0.28 -8.60 8.43
N PHE B 111 -1.31 -9.24 8.97
CA PHE B 111 -1.02 -10.20 10.04
C PHE B 111 -0.16 -11.36 9.58
N TYR B 112 -0.54 -11.98 8.48
CA TYR B 112 0.15 -13.19 8.05
C TYR B 112 1.46 -12.92 7.31
N HIS B 113 1.41 -12.06 6.31
CA HIS B 113 2.53 -11.94 5.38
C HIS B 113 3.55 -10.90 5.84
N LEU B 114 3.12 -9.97 6.66
CA LEU B 114 4.07 -9.03 7.25
C LEU B 114 4.40 -9.39 8.72
N SER B 115 3.37 -9.63 9.52
CA SER B 115 3.58 -9.75 10.97
C SER B 115 3.92 -11.13 11.48
N ALA B 116 3.36 -12.17 10.86
CA ALA B 116 3.38 -13.50 11.49
C ALA B 116 4.78 -14.02 11.74
N GLN B 117 5.71 -13.70 10.85
CA GLN B 117 7.10 -14.11 11.05
C GLN B 117 7.73 -13.52 12.32
N ASP B 118 7.10 -12.51 12.91
CA ASP B 118 7.54 -12.01 14.21
C ASP B 118 7.42 -13.10 15.27
N PHE B 119 6.50 -14.04 15.07
CA PHE B 119 6.23 -15.07 16.09
C PHE B 119 6.38 -16.49 15.55
N VAL B 120 6.42 -16.63 14.23
CA VAL B 120 6.38 -17.93 13.58
C VAL B 120 7.66 -18.15 12.77
N GLN B 121 8.26 -19.33 12.91
CA GLN B 121 9.41 -19.71 12.07
C GLN B 121 8.92 -20.29 10.76
N GLY B 122 9.32 -19.67 9.66
CA GLY B 122 8.98 -20.17 8.33
C GLY B 122 9.84 -21.36 7.92
N PRO B 123 9.51 -21.97 6.78
CA PRO B 123 10.32 -23.02 6.14
C PRO B 123 11.76 -22.56 5.87
N ASP B 124 12.67 -23.53 5.79
CA ASP B 124 14.10 -23.23 5.67
C ASP B 124 14.50 -22.84 4.24
N THR B 125 13.91 -21.77 3.73
CA THR B 125 14.20 -21.29 2.38
C THR B 125 13.83 -19.81 2.30
N ALA B 126 14.47 -19.07 1.38
CA ALA B 126 14.14 -17.64 1.21
C ALA B 126 12.67 -17.51 0.78
N PRO B 127 12.00 -16.42 1.20
CA PRO B 127 12.52 -15.33 2.03
C PRO B 127 12.30 -15.53 3.54
N PHE B 128 12.23 -16.78 4.01
CA PHE B 128 11.94 -17.03 5.42
C PHE B 128 13.20 -17.18 6.27
N VAL B 129 14.34 -17.29 5.59
CA VAL B 129 15.66 -17.34 6.19
C VAL B 129 16.63 -16.58 5.28
N PRO B 130 17.76 -16.08 5.82
CA PRO B 130 18.13 -16.15 7.24
C PRO B 130 17.40 -15.10 8.06
N ARG B 131 17.58 -15.19 9.38
CA ARG B 131 17.01 -14.22 10.30
C ARG B 131 17.86 -14.20 11.56
N PHE B 132 17.44 -13.49 12.60
CA PHE B 132 18.22 -13.44 13.83
C PHE B 132 18.35 -14.82 14.42
N PRO B 133 19.57 -15.20 14.84
CA PRO B 133 19.84 -16.47 15.50
C PRO B 133 18.95 -16.68 16.74
N LYS B 134 18.67 -15.62 17.47
CA LYS B 134 17.77 -15.72 18.62
C LYS B 134 16.51 -14.90 18.39
N SER B 135 15.56 -15.45 17.63
CA SER B 135 14.38 -14.68 17.23
C SER B 135 13.21 -14.71 18.22
N ASP B 136 13.38 -15.38 19.37
CA ASP B 136 12.33 -15.42 20.39
C ASP B 136 11.01 -15.95 19.79
N LEU B 137 11.08 -17.09 19.12
CA LEU B 137 9.90 -17.71 18.55
C LEU B 137 9.43 -18.81 19.50
N ARG B 138 8.28 -18.61 20.14
CA ARG B 138 7.93 -19.42 21.31
C ARG B 138 6.93 -20.56 21.07
N LEU B 139 6.37 -20.63 19.87
CA LEU B 139 5.27 -21.57 19.61
C LEU B 139 5.70 -23.04 19.58
N SER B 140 4.83 -23.92 20.06
CA SER B 140 5.03 -25.36 19.93
C SER B 140 5.16 -25.75 18.46
N LYS B 141 5.61 -26.97 18.19
CA LYS B 141 5.64 -27.52 16.84
C LYS B 141 4.29 -27.40 16.16
N GLU B 142 3.23 -27.74 16.89
CA GLU B 142 1.87 -27.73 16.33
C GLU B 142 1.38 -26.32 15.97
N LEU B 143 1.53 -25.38 16.90
CA LEU B 143 1.02 -24.04 16.70
C LEU B 143 1.82 -23.31 15.62
N ASN B 144 3.12 -23.57 15.58
CA ASN B 144 3.98 -22.98 14.57
C ASN B 144 3.58 -23.46 13.18
N LYS B 145 3.27 -24.74 13.08
CA LYS B 145 2.84 -25.33 11.82
C LYS B 145 1.49 -24.74 11.37
N ALA B 146 0.60 -24.51 12.33
CA ALA B 146 -0.69 -23.88 12.04
C ALA B 146 -0.47 -22.48 11.45
N GLY B 147 0.45 -21.72 12.05
CA GLY B 147 0.84 -20.42 11.54
C GLY B 147 1.36 -20.45 10.11
N VAL B 148 2.28 -21.39 9.84
CA VAL B 148 2.81 -21.56 8.48
C VAL B 148 1.73 -22.02 7.48
N ASP B 149 0.91 -23.00 7.86
CA ASP B 149 -0.16 -23.46 6.99
C ASP B 149 -1.12 -22.31 6.66
N GLN B 150 -1.47 -21.53 7.68
CA GLN B 150 -2.36 -20.39 7.54
C GLN B 150 -1.73 -19.25 6.74
N TYR B 151 -0.43 -19.05 6.91
CA TYR B 151 0.29 -18.07 6.09
C TYR B 151 0.08 -18.43 4.63
N ILE B 152 0.29 -19.70 4.32
CA ILE B 152 0.13 -20.22 2.97
C ILE B 152 -1.31 -20.07 2.47
N GLU B 153 -2.27 -20.47 3.30
CA GLU B 153 -3.66 -20.35 2.90
C GLU B 153 -4.05 -18.88 2.75
N ALA B 154 -3.54 -18.03 3.62
CA ALA B 154 -3.87 -16.59 3.58
C ALA B 154 -3.41 -15.93 2.28
N LEU B 155 -2.40 -16.48 1.62
CA LEU B 155 -1.99 -16.00 0.29
C LEU B 155 -3.12 -16.14 -0.74
N GLU B 156 -3.83 -17.26 -0.70
CA GLU B 156 -4.97 -17.45 -1.59
C GLU B 156 -6.15 -16.59 -1.13
N VAL B 157 -6.37 -16.51 0.19
CA VAL B 157 -7.48 -15.69 0.70
C VAL B 157 -7.34 -14.19 0.38
N ARG B 158 -6.14 -13.61 0.55
CA ARG B 158 -5.99 -12.20 0.22
C ARG B 158 -6.20 -11.93 -1.29
N ARG B 159 -5.78 -12.88 -2.12
CA ARG B 159 -5.98 -12.80 -3.56
C ARG B 159 -7.49 -12.79 -3.87
N ILE B 160 -8.22 -13.64 -3.18
CA ILE B 160 -9.67 -13.70 -3.34
C ILE B 160 -10.33 -12.36 -2.94
N CYS B 161 -9.81 -11.73 -1.89
CA CYS B 161 -10.29 -10.40 -1.49
C CYS B 161 -10.15 -9.37 -2.62
N HIS B 162 -9.05 -9.45 -3.37
CA HIS B 162 -8.87 -8.52 -4.48
C HIS B 162 -9.76 -8.87 -5.69
N GLU B 163 -10.12 -10.14 -5.83
CA GLU B 163 -11.16 -10.47 -6.81
C GLU B 163 -12.46 -9.79 -6.44
N MET B 164 -12.78 -9.77 -5.14
CA MET B 164 -13.97 -9.07 -4.65
C MET B 164 -13.91 -7.57 -4.95
N VAL B 165 -12.77 -6.94 -4.66
CA VAL B 165 -12.60 -5.52 -4.99
C VAL B 165 -12.81 -5.27 -6.49
N ALA B 166 -12.20 -6.11 -7.33
CA ALA B 166 -12.21 -5.92 -8.77
C ALA B 166 -13.59 -6.12 -9.40
N LEU B 167 -14.46 -6.90 -8.76
CA LEU B 167 -15.78 -7.20 -9.33
C LEU B 167 -16.54 -5.93 -9.71
N PHE B 168 -16.51 -4.93 -8.83
CA PHE B 168 -17.14 -3.65 -9.11
C PHE B 168 -16.14 -2.51 -9.23
N GLY B 169 -14.88 -2.81 -8.88
CA GLY B 169 -13.81 -1.83 -8.93
C GLY B 169 -12.95 -1.85 -10.18
N GLY B 170 -13.07 -2.90 -11.01
CA GLY B 170 -12.38 -2.94 -12.28
C GLY B 170 -11.10 -3.76 -12.29
N ARG B 171 -10.21 -3.46 -11.34
CA ARG B 171 -9.01 -4.24 -11.12
C ARG B 171 -8.44 -3.78 -9.80
N MET B 172 -7.46 -4.51 -9.31
CA MET B 172 -6.81 -4.16 -8.05
C MET B 172 -5.42 -4.77 -8.07
N PRO B 173 -4.38 -4.01 -7.66
CA PRO B 173 -4.37 -2.63 -7.16
C PRO B 173 -4.82 -1.59 -8.19
N HIS B 174 -5.22 -0.42 -7.68
CA HIS B 174 -5.56 0.77 -8.47
C HIS B 174 -6.89 0.59 -9.22
N VAL B 175 -7.98 0.78 -8.48
CA VAL B 175 -9.32 0.57 -9.02
C VAL B 175 -9.66 1.62 -10.08
N GLN B 176 -10.50 1.24 -11.03
CA GLN B 176 -11.00 2.19 -12.00
C GLN B 176 -12.42 2.66 -11.62
N GLY B 177 -13.04 1.94 -10.67
CA GLY B 177 -14.47 2.02 -10.44
C GLY B 177 -15.03 3.08 -9.52
N GLN B 178 -14.17 3.83 -8.83
CA GLN B 178 -14.65 4.96 -8.04
C GLN B 178 -14.27 6.27 -8.72
N VAL B 179 -15.28 7.10 -9.00
CA VAL B 179 -15.09 8.42 -9.58
C VAL B 179 -15.93 9.45 -8.83
N VAL B 180 -15.66 10.73 -9.09
CA VAL B 180 -16.54 11.77 -8.57
C VAL B 180 -17.95 11.43 -9.04
N GLY B 181 -18.93 11.49 -8.13
CA GLY B 181 -20.31 11.21 -8.47
C GLY B 181 -20.75 9.76 -8.28
N GLY B 182 -19.83 8.89 -7.87
CA GLY B 182 -20.25 7.57 -7.43
C GLY B 182 -19.37 6.40 -7.82
N ALA B 183 -19.98 5.42 -8.48
CA ALA B 183 -19.30 4.20 -8.91
C ALA B 183 -19.65 3.97 -10.37
N THR B 184 -18.67 3.51 -11.13
CA THR B 184 -18.78 3.47 -12.58
C THR B 184 -19.53 2.26 -13.12
N GLU B 185 -19.78 1.26 -12.27
CA GLU B 185 -20.41 0.03 -12.73
C GLU B 185 -21.52 -0.46 -11.80
N ILE B 186 -22.74 -0.52 -12.34
CA ILE B 186 -23.89 -0.99 -11.58
C ILE B 186 -23.72 -2.48 -11.34
N PRO B 187 -23.87 -2.92 -10.08
CA PRO B 187 -23.83 -4.35 -9.77
C PRO B 187 -24.99 -5.10 -10.41
N THR B 188 -24.69 -6.19 -11.10
CA THR B 188 -25.71 -7.06 -11.65
C THR B 188 -25.97 -8.16 -10.64
N LYS B 189 -27.07 -8.89 -10.83
CA LYS B 189 -27.40 -10.00 -9.96
C LYS B 189 -26.27 -11.03 -10.01
N GLU B 190 -25.80 -11.33 -11.22
CA GLU B 190 -24.78 -12.35 -11.42
C GLU B 190 -23.48 -12.03 -10.71
N LYS B 191 -23.02 -10.79 -10.82
CA LYS B 191 -21.75 -10.45 -10.20
C LYS B 191 -21.86 -10.36 -8.69
N LEU B 192 -23.04 -10.01 -8.20
CA LEU B 192 -23.28 -9.98 -6.75
C LEU B 192 -23.25 -11.40 -6.17
N VAL B 193 -23.70 -12.38 -6.93
CA VAL B 193 -23.56 -13.79 -6.55
C VAL B 193 -22.07 -14.15 -6.46
N GLU B 194 -21.30 -13.68 -7.43
CA GLU B 194 -19.87 -13.93 -7.46
C GLU B 194 -19.14 -13.31 -6.27
N TYR B 195 -19.53 -12.10 -5.88
CA TYR B 195 -18.93 -11.43 -4.75
C TYR B 195 -19.26 -12.15 -3.45
N ALA B 196 -20.54 -12.53 -3.28
CA ALA B 196 -20.97 -13.25 -2.08
C ALA B 196 -20.30 -14.61 -1.93
N ALA B 197 -20.08 -15.29 -3.05
CA ALA B 197 -19.44 -16.61 -3.00
C ALA B 197 -18.01 -16.51 -2.47
N ARG B 198 -17.29 -15.50 -2.95
CA ARG B 198 -15.91 -15.30 -2.50
C ARG B 198 -15.90 -14.82 -1.07
N PHE B 199 -16.87 -13.97 -0.72
CA PHE B 199 -16.96 -13.39 0.61
C PHE B 199 -17.11 -14.48 1.68
N LYS B 200 -17.91 -15.51 1.37
CA LYS B 200 -18.14 -16.60 2.30
C LYS B 200 -16.83 -17.33 2.60
N LYS B 201 -16.04 -17.58 1.56
CA LYS B 201 -14.72 -18.20 1.74
C LYS B 201 -13.83 -17.34 2.65
N VAL B 202 -13.85 -16.03 2.45
CA VAL B 202 -13.05 -15.13 3.27
C VAL B 202 -13.58 -15.09 4.72
N ARG B 203 -14.90 -15.03 4.86
CA ARG B 203 -15.51 -15.08 6.19
C ARG B 203 -15.07 -16.34 6.94
N ASP B 204 -15.12 -17.49 6.27
CA ASP B 204 -14.76 -18.74 6.92
C ASP B 204 -13.32 -18.71 7.44
N PHE B 205 -12.41 -18.17 6.64
CA PHE B 205 -11.01 -18.09 7.05
C PHE B 205 -10.81 -17.13 8.21
N VAL B 206 -11.48 -15.97 8.16
CA VAL B 206 -11.38 -14.99 9.26
C VAL B 206 -11.93 -15.57 10.57
N GLU B 207 -13.08 -16.23 10.50
CA GLU B 207 -13.70 -16.77 11.71
C GLU B 207 -12.98 -18.00 12.27
N GLN B 208 -12.53 -18.89 11.38
CA GLN B 208 -11.98 -20.18 11.80
C GLN B 208 -10.48 -20.21 11.98
N LYS B 209 -9.76 -19.31 11.31
CA LYS B 209 -8.30 -19.32 11.36
C LYS B 209 -7.75 -18.02 11.93
N TYR B 210 -7.97 -16.93 11.21
CA TYR B 210 -7.37 -15.63 11.53
C TYR B 210 -7.63 -15.14 12.97
N VAL B 211 -8.89 -14.90 13.36
CA VAL B 211 -9.12 -14.40 14.71
C VAL B 211 -8.63 -15.38 15.80
N PRO B 212 -8.91 -16.68 15.67
CA PRO B 212 -8.37 -17.56 16.71
C PRO B 212 -6.84 -17.62 16.79
N VAL B 213 -6.13 -17.53 15.68
CA VAL B 213 -4.67 -17.65 15.77
C VAL B 213 -4.05 -16.43 16.45
N VAL B 214 -4.69 -15.27 16.32
CA VAL B 214 -4.13 -14.05 16.91
C VAL B 214 -4.26 -14.09 18.43
N TYR B 215 -5.43 -14.43 18.94
CA TYR B 215 -5.55 -14.61 20.39
C TYR B 215 -4.66 -15.75 20.88
N THR B 216 -4.55 -16.80 20.10
CA THR B 216 -3.81 -17.99 20.52
C THR B 216 -2.32 -17.69 20.60
N ILE B 217 -1.76 -17.13 19.54
CA ILE B 217 -0.38 -16.68 19.57
C ILE B 217 -0.19 -15.65 20.69
N GLY B 218 -1.15 -14.75 20.82
CA GLY B 218 -1.11 -13.72 21.86
C GLY B 218 -0.97 -14.31 23.25
N SER B 219 -1.61 -15.46 23.47
CA SER B 219 -1.59 -16.08 24.79
C SER B 219 -0.22 -16.70 25.12
N LYS B 220 0.61 -16.88 24.10
CA LYS B 220 1.97 -17.34 24.31
C LYS B 220 2.92 -16.17 24.52
N TYR B 221 2.43 -14.96 24.27
CA TYR B 221 3.25 -13.75 24.35
C TYR B 221 2.55 -12.71 25.20
N LYS B 222 2.10 -13.11 26.38
CA LYS B 222 1.31 -12.18 27.19
C LYS B 222 2.13 -10.96 27.63
N ASP B 223 3.45 -11.12 27.67
CA ASP B 223 4.34 -10.02 27.98
C ASP B 223 4.19 -8.87 26.95
N MET B 224 3.72 -9.18 25.76
CA MET B 224 3.58 -8.16 24.72
C MET B 224 2.32 -7.31 24.88
N PHE B 225 1.51 -7.60 25.90
CA PHE B 225 0.41 -6.70 26.23
C PHE B 225 0.84 -5.67 27.26
N LYS B 226 2.07 -5.77 27.75
CA LYS B 226 2.53 -4.94 28.85
C LYS B 226 3.43 -3.81 28.38
N VAL B 227 3.68 -3.75 27.07
CA VAL B 227 4.58 -2.75 26.54
C VAL B 227 3.97 -2.12 25.28
N GLY B 228 4.47 -0.94 24.92
CA GLY B 228 4.06 -0.27 23.69
C GLY B 228 2.87 0.66 23.84
N GLN B 229 2.60 1.10 25.06
CA GLN B 229 1.46 1.98 25.33
C GLN B 229 1.56 3.36 24.68
N GLY B 230 2.75 3.96 24.70
CA GLY B 230 2.92 5.29 24.14
C GLY B 230 2.04 6.33 24.82
N PHE B 231 1.42 7.18 24.02
CA PHE B 231 0.60 8.26 24.53
C PHE B 231 -0.79 7.80 24.98
N LYS B 232 -1.17 6.59 24.57
CA LYS B 232 -2.52 6.09 24.83
C LYS B 232 -3.56 7.11 24.37
N ALA B 233 -3.35 7.66 23.18
CA ALA B 233 -4.23 8.67 22.60
C ALA B 233 -4.56 8.31 21.14
N ALA B 234 -5.81 8.51 20.74
CA ALA B 234 -6.34 7.91 19.50
C ALA B 234 -7.30 8.82 18.72
N LEU B 235 -7.22 8.70 17.41
CA LEU B 235 -8.04 9.48 16.48
C LEU B 235 -8.85 8.61 15.51
N CYS B 236 -10.12 8.95 15.33
CA CYS B 236 -10.92 8.38 14.26
C CYS B 236 -11.72 9.53 13.63
N VAL B 237 -11.74 9.58 12.29
CA VAL B 237 -12.39 10.68 11.56
C VAL B 237 -13.65 10.19 10.84
N GLY B 238 -14.05 8.95 11.10
CA GLY B 238 -15.24 8.40 10.45
C GLY B 238 -15.00 7.78 9.08
N ALA B 239 -15.75 6.72 8.78
CA ALA B 239 -15.65 6.03 7.50
C ALA B 239 -16.85 5.17 7.23
N PHE B 240 -17.13 4.95 5.93
CA PHE B 240 -18.22 4.07 5.44
C PHE B 240 -19.60 4.62 5.76
N PRO B 241 -20.06 5.57 4.95
CA PRO B 241 -21.37 6.19 5.19
C PRO B 241 -22.48 5.14 5.08
N LEU B 242 -23.39 5.14 6.04
CA LEU B 242 -24.48 4.16 6.05
C LEU B 242 -25.78 4.79 5.58
N ASP B 243 -25.71 6.05 5.19
CA ASP B 243 -26.89 6.73 4.65
C ASP B 243 -26.44 7.86 3.76
N ASN B 244 -27.39 8.64 3.25
CA ASN B 244 -27.06 9.64 2.24
C ASN B 244 -26.97 11.06 2.76
N SER B 245 -26.99 11.24 4.07
CA SER B 245 -26.92 12.58 4.63
C SER B 245 -25.66 12.85 5.44
N GLY B 246 -24.69 11.94 5.35
CA GLY B 246 -23.41 12.12 6.00
C GLY B 246 -23.43 12.04 7.53
N LYS B 247 -24.48 11.44 8.08
CA LYS B 247 -24.56 11.24 9.53
C LYS B 247 -23.93 9.91 9.97
N LYS B 248 -24.72 8.84 9.87
CA LYS B 248 -24.27 7.52 10.31
C LYS B 248 -23.14 6.97 9.45
N HIS B 249 -22.08 6.50 10.12
CA HIS B 249 -20.98 5.80 9.46
C HIS B 249 -20.70 4.52 10.23
N LEU B 250 -20.11 3.54 9.55
CA LEU B 250 -19.68 2.30 10.19
C LEU B 250 -18.73 2.60 11.34
N PHE B 251 -17.74 3.44 11.08
CA PHE B 251 -16.87 3.96 12.12
C PHE B 251 -17.23 5.44 12.32
N MET B 252 -17.62 5.79 13.55
CA MET B 252 -17.97 7.16 13.89
C MET B 252 -16.75 7.94 14.36
N PRO B 253 -16.70 9.26 14.09
CA PRO B 253 -15.52 10.05 14.47
C PRO B 253 -15.40 10.31 15.96
N GLY B 254 -14.19 10.54 16.43
CA GLY B 254 -13.97 10.79 17.85
C GLY B 254 -12.50 10.81 18.18
N VAL B 255 -12.16 11.53 19.25
CA VAL B 255 -10.78 11.58 19.74
C VAL B 255 -10.77 11.02 21.17
N TYR B 256 -9.73 10.27 21.51
CA TYR B 256 -9.55 9.73 22.84
C TYR B 256 -8.17 10.12 23.36
N ALA B 257 -8.14 10.84 24.47
CA ALA B 257 -6.87 11.28 25.05
C ALA B 257 -7.03 11.48 26.56
N LYS B 258 -6.03 11.04 27.32
CA LYS B 258 -6.02 11.19 28.77
CA LYS B 258 -6.01 11.16 28.77
C LYS B 258 -7.30 10.67 29.43
N GLY B 259 -7.75 9.50 29.02
CA GLY B 259 -8.95 8.90 29.59
C GLY B 259 -10.27 9.50 29.14
N LYS B 260 -10.23 10.50 28.27
CA LYS B 260 -11.45 11.21 27.86
C LYS B 260 -11.81 11.05 26.38
N ASP B 261 -13.09 10.86 26.09
CA ASP B 261 -13.60 10.92 24.72
C ASP B 261 -14.11 12.33 24.35
N MET B 262 -13.79 12.78 23.13
CA MET B 262 -14.21 14.12 22.69
C MET B 262 -14.47 14.12 21.19
N PRO B 263 -15.21 15.12 20.69
CA PRO B 263 -15.51 15.08 19.25
C PRO B 263 -14.28 15.39 18.39
N PHE B 264 -14.28 14.96 17.13
CA PHE B 264 -13.21 15.31 16.21
C PHE B 264 -13.56 16.62 15.51
N ASP B 265 -12.65 17.59 15.56
CA ASP B 265 -12.83 18.87 14.86
C ASP B 265 -11.60 19.03 13.98
N PRO B 266 -11.77 18.87 12.65
CA PRO B 266 -10.65 18.89 11.70
C PRO B 266 -9.86 20.20 11.69
N SER B 267 -10.45 21.29 12.20
CA SER B 267 -9.73 22.58 12.18
C SER B 267 -8.55 22.59 13.15
N LYS B 268 -8.49 21.57 14.02
CA LYS B 268 -7.44 21.48 15.04
C LYS B 268 -6.21 20.71 14.55
N ILE B 269 -6.20 20.34 13.28
CA ILE B 269 -5.08 19.63 12.71
C ILE B 269 -4.00 20.61 12.23
N LYS B 270 -2.76 20.40 12.66
CA LYS B 270 -1.62 21.20 12.18
C LYS B 270 -0.47 20.29 11.81
N GLU B 271 0.29 20.65 10.78
CA GLU B 271 1.45 19.85 10.42
C GLU B 271 2.75 20.61 10.65
N TYR B 272 3.61 20.09 11.52
CA TYR B 272 4.89 20.72 11.83
C TYR B 272 5.98 20.07 11.03
N VAL B 273 7.08 20.78 10.79
CA VAL B 273 8.12 20.27 9.91
C VAL B 273 9.54 20.52 10.42
N LYS B 274 9.71 20.99 11.66
CA LYS B 274 11.07 21.21 12.19
C LYS B 274 12.01 20.02 11.95
N TYR B 275 11.51 18.82 12.21
CA TYR B 275 12.35 17.62 12.12
C TYR B 275 12.10 16.85 10.83
N SER B 276 11.41 17.51 9.89
CA SER B 276 11.07 16.93 8.62
C SER B 276 11.79 17.68 7.49
N TRP B 277 12.06 17.00 6.37
CA TRP B 277 12.84 17.61 5.29
C TRP B 277 11.96 18.47 4.38
N PHE B 278 11.43 19.55 4.97
CA PHE B 278 10.63 20.53 4.26
C PHE B 278 11.01 21.93 4.73
N ALA B 279 10.75 22.92 3.87
CA ALA B 279 11.09 24.31 4.15
C ALA B 279 10.56 24.80 5.48
N GLU B 280 11.42 25.49 6.25
CA GLU B 280 11.09 25.93 7.61
C GLU B 280 9.85 26.81 7.65
N GLU B 281 9.66 27.66 6.65
CA GLU B 281 8.52 28.59 6.60
C GLU B 281 7.16 27.89 6.48
N THR B 282 7.17 26.58 6.28
CA THR B 282 5.91 25.87 6.07
C THR B 282 5.41 25.11 7.29
N THR B 283 6.02 25.38 8.44
CA THR B 283 5.66 24.65 9.66
C THR B 283 4.34 25.14 10.26
N GLY B 284 3.61 24.24 10.89
CA GLY B 284 2.42 24.62 11.63
C GLY B 284 1.17 24.91 10.81
N LEU B 285 1.10 24.39 9.59
CA LEU B 285 -0.02 24.65 8.70
C LEU B 285 -1.15 23.61 8.79
N ASN B 286 -2.38 24.09 8.90
CA ASN B 286 -3.54 23.24 8.72
C ASN B 286 -3.58 22.82 7.26
N TYR B 287 -4.16 21.65 6.98
CA TYR B 287 -4.15 21.09 5.63
C TYR B 287 -4.79 22.03 4.57
N LYS B 288 -5.75 22.85 4.99
CA LYS B 288 -6.41 23.74 4.03
C LYS B 288 -5.46 24.82 3.53
N GLU B 289 -4.36 25.01 4.24
CA GLU B 289 -3.36 25.99 3.83
C GLU B 289 -2.02 25.29 3.66
N GLY B 290 -2.06 23.96 3.56
CA GLY B 290 -0.87 23.16 3.49
C GLY B 290 0.03 23.54 2.33
N LYS B 291 1.31 23.24 2.50
CA LYS B 291 2.34 23.53 1.54
C LYS B 291 3.36 22.43 1.61
N THR B 292 3.92 22.05 0.46
CA THR B 292 4.85 20.94 0.39
C THR B 292 6.10 21.37 -0.39
N ILE B 293 7.07 21.91 0.36
CA ILE B 293 8.32 22.39 -0.20
C ILE B 293 9.48 21.57 0.36
N PRO B 294 9.97 20.59 -0.42
CA PRO B 294 11.01 19.70 0.12
C PRO B 294 12.31 20.44 0.42
N ALA B 295 13.02 19.99 1.45
CA ALA B 295 14.29 20.59 1.84
C ALA B 295 15.16 19.48 2.38
N PRO B 296 15.66 18.62 1.48
CA PRO B 296 16.31 17.37 1.89
C PRO B 296 17.67 17.59 2.55
N ASP B 297 18.18 18.82 2.52
CA ASP B 297 19.44 19.14 3.18
C ASP B 297 19.29 19.92 4.49
N LYS B 298 18.06 20.15 4.94
CA LYS B 298 17.86 21.01 6.10
C LYS B 298 18.46 20.34 7.34
N ALA B 299 19.29 21.09 8.07
CA ALA B 299 19.93 20.54 9.26
C ALA B 299 18.90 20.20 10.32
N GLY B 300 19.14 19.11 11.05
CA GLY B 300 18.31 18.76 12.19
C GLY B 300 17.17 17.84 11.88
N ALA B 301 16.74 17.83 10.61
CA ALA B 301 15.57 17.06 10.20
C ALA B 301 15.95 15.62 9.96
N TYR B 302 15.00 14.69 10.14
CA TYR B 302 15.35 13.30 9.98
C TYR B 302 14.28 12.44 9.32
N SER B 303 13.31 13.08 8.66
CA SER B 303 12.24 12.31 8.03
C SER B 303 11.56 13.08 6.91
N PHE B 304 11.09 12.37 5.88
CA PHE B 304 10.20 12.97 4.88
C PHE B 304 8.73 12.98 5.35
N VAL B 305 8.48 12.45 6.54
CA VAL B 305 7.13 12.49 7.12
C VAL B 305 6.96 13.80 7.91
N LYS B 306 5.90 14.56 7.61
CA LYS B 306 5.54 15.72 8.41
C LYS B 306 5.04 15.26 9.78
N ALA B 307 4.87 16.20 10.71
CA ALA B 307 4.40 15.85 12.05
C ALA B 307 3.01 16.43 12.30
N PRO B 308 1.96 15.62 12.11
CA PRO B 308 0.59 16.07 12.36
C PRO B 308 0.28 16.04 13.84
N ARG B 309 -0.38 17.10 14.32
CA ARG B 309 -0.76 17.17 15.70
C ARG B 309 -2.22 17.63 15.77
N TYR B 310 -2.96 17.10 16.74
CA TYR B 310 -4.37 17.41 16.88
C TYR B 310 -4.53 18.22 18.13
N ASP B 311 -4.81 19.50 17.98
CA ASP B 311 -4.91 20.40 19.12
C ASP B 311 -3.67 20.24 20.00
N GLY B 312 -2.51 20.18 19.36
CA GLY B 312 -1.25 20.01 20.09
C GLY B 312 -0.89 18.58 20.50
N LEU B 313 -1.82 17.63 20.35
CA LEU B 313 -1.59 16.25 20.79
C LEU B 313 -1.01 15.35 19.71
N SER B 314 -0.09 14.47 20.12
CA SER B 314 0.41 13.41 19.26
C SER B 314 -0.49 12.17 19.46
N LEU B 315 -1.15 11.74 18.39
CA LEU B 315 -2.16 10.70 18.47
C LEU B 315 -1.77 9.51 17.59
N GLU B 316 -2.39 8.36 17.85
CA GLU B 316 -2.26 7.23 16.92
C GLU B 316 -3.58 6.92 16.21
N VAL B 317 -3.48 6.19 15.11
CA VAL B 317 -4.65 5.82 14.31
C VAL B 317 -4.57 4.35 13.93
N GLY B 318 -5.65 3.82 13.38
CA GLY B 318 -5.68 2.45 12.93
C GLY B 318 -6.76 1.65 13.63
N PRO B 319 -6.75 0.32 13.43
CA PRO B 319 -7.82 -0.52 14.00
C PRO B 319 -7.97 -0.32 15.51
N LEU B 320 -6.87 -0.25 16.26
CA LEU B 320 -6.97 0.00 17.70
C LEU B 320 -7.70 1.31 17.98
N ALA B 321 -7.29 2.39 17.31
CA ALA B 321 -7.95 3.67 17.49
C ALA B 321 -9.46 3.60 17.17
N ARG B 322 -9.82 2.99 16.05
CA ARG B 322 -11.24 2.90 15.67
C ARG B 322 -12.06 2.06 16.64
N MET B 323 -11.54 0.89 16.97
CA MET B 323 -12.25 -0.04 17.84
C MET B 323 -12.34 0.48 19.27
N TRP B 324 -11.32 1.20 19.72
CA TRP B 324 -11.38 1.85 21.03
C TRP B 324 -12.41 2.98 21.06
N VAL B 325 -12.31 3.89 20.08
CA VAL B 325 -13.23 5.03 19.98
C VAL B 325 -14.68 4.58 19.82
N ASN B 326 -14.92 3.62 18.95
CA ASN B 326 -16.29 3.17 18.68
C ASN B 326 -16.81 2.13 19.68
N ASN B 327 -15.89 1.47 20.39
CA ASN B 327 -16.21 0.44 21.39
C ASN B 327 -17.29 -0.58 20.99
N PRO B 328 -17.08 -1.32 19.90
CA PRO B 328 -18.11 -2.30 19.54
C PRO B 328 -18.00 -3.57 20.36
N GLU B 329 -19.05 -4.36 20.31
CA GLU B 329 -19.06 -5.68 20.92
C GLU B 329 -17.92 -6.56 20.32
N LEU B 330 -17.25 -7.34 21.15
CA LEU B 330 -16.22 -8.24 20.65
C LEU B 330 -16.82 -9.39 19.84
N SER B 331 -16.00 -9.97 18.95
CA SER B 331 -16.38 -11.18 18.22
C SER B 331 -16.70 -12.33 19.18
N PRO B 332 -17.53 -13.29 18.75
CA PRO B 332 -17.81 -14.43 19.63
C PRO B 332 -16.53 -15.23 19.92
N VAL B 333 -15.69 -15.45 18.92
CA VAL B 333 -14.45 -16.19 19.15
C VAL B 333 -13.52 -15.45 20.10
N GLY B 334 -13.46 -14.13 19.97
CA GLY B 334 -12.63 -13.32 20.83
C GLY B 334 -13.08 -13.43 22.28
N LYS B 335 -14.39 -13.33 22.51
CA LYS B 335 -14.91 -13.46 23.86
C LYS B 335 -14.50 -14.79 24.46
N LYS B 336 -14.69 -15.86 23.68
CA LYS B 336 -14.43 -17.22 24.17
C LYS B 336 -12.96 -17.43 24.51
N LEU B 337 -12.08 -17.03 23.61
CA LEU B 337 -10.65 -17.20 23.82
C LEU B 337 -10.09 -16.30 24.92
N LEU B 338 -10.70 -15.13 25.11
CA LEU B 338 -10.29 -14.24 26.20
C LEU B 338 -10.58 -14.93 27.54
N LYS B 339 -11.70 -15.63 27.60
CA LYS B 339 -12.06 -16.41 28.78
C LYS B 339 -11.15 -17.63 28.92
N ASP B 340 -11.10 -18.45 27.88
CA ASP B 340 -10.41 -19.73 27.95
C ASP B 340 -8.88 -19.60 28.13
N LEU B 341 -8.28 -18.61 27.46
CA LEU B 341 -6.81 -18.51 27.43
C LEU B 341 -6.27 -17.42 28.35
N PHE B 342 -7.07 -16.38 28.56
CA PHE B 342 -6.62 -15.22 29.31
C PHE B 342 -7.27 -15.03 30.68
N GLY B 343 -8.37 -15.73 30.94
CA GLY B 343 -9.10 -15.54 32.20
C GLY B 343 -9.78 -14.18 32.27
N ILE B 344 -10.07 -13.62 31.11
CA ILE B 344 -10.68 -12.30 31.03
C ILE B 344 -12.14 -12.36 30.55
N SER B 345 -13.04 -11.78 31.34
CA SER B 345 -14.44 -11.59 30.94
C SER B 345 -14.61 -10.26 30.22
N ALA B 346 -15.01 -10.33 28.96
CA ALA B 346 -15.09 -9.13 28.15
C ALA B 346 -16.29 -9.21 27.22
N LYS B 347 -17.01 -8.10 27.11
CA LYS B 347 -18.12 -8.02 26.16
C LYS B 347 -17.82 -7.07 25.01
N LYS B 348 -17.38 -5.85 25.36
CA LYS B 348 -17.02 -4.86 24.35
C LYS B 348 -15.50 -4.66 24.31
N PHE B 349 -15.03 -4.02 23.25
CA PHE B 349 -13.60 -3.89 23.04
C PHE B 349 -12.85 -3.23 24.23
N ARG B 350 -13.42 -2.17 24.82
CA ARG B 350 -12.74 -1.51 25.93
C ARG B 350 -12.61 -2.38 27.18
N ASP B 351 -13.38 -3.46 27.26
CA ASP B 351 -13.25 -4.38 28.39
C ASP B 351 -11.88 -5.05 28.40
N LEU B 352 -11.14 -4.90 27.31
CA LEU B 352 -9.74 -5.35 27.32
C LEU B 352 -8.95 -4.50 28.32
N GLY B 353 -9.41 -3.28 28.54
CA GLY B 353 -8.69 -2.32 29.38
C GLY B 353 -7.70 -1.48 28.58
N GLU B 354 -7.51 -0.22 28.97
CA GLU B 354 -6.66 0.72 28.24
C GLU B 354 -5.24 0.21 28.07
N GLU B 355 -4.66 -0.31 29.14
CA GLU B 355 -3.25 -0.69 29.10
C GLU B 355 -3.00 -1.85 28.12
N ALA B 356 -3.85 -2.87 28.19
CA ALA B 356 -3.72 -4.04 27.33
C ALA B 356 -4.09 -3.74 25.88
N ALA B 357 -5.06 -2.85 25.67
CA ALA B 357 -5.51 -2.54 24.33
C ALA B 357 -4.45 -1.72 23.61
N PHE B 358 -3.93 -0.69 24.28
CA PHE B 358 -2.82 0.10 23.74
C PHE B 358 -1.48 -0.57 24.03
N SER B 359 -1.20 -1.66 23.31
CA SER B 359 0.02 -2.41 23.54
C SER B 359 0.42 -3.06 22.23
N LEU B 360 1.64 -3.61 22.18
CA LEU B 360 2.12 -4.31 20.99
C LEU B 360 1.12 -5.35 20.53
N MET B 361 0.79 -6.30 21.42
CA MET B 361 -0.13 -7.38 21.03
C MET B 361 -1.57 -6.89 20.89
N GLY B 362 -1.93 -5.88 21.70
CA GLY B 362 -3.27 -5.33 21.67
C GLY B 362 -3.62 -4.82 20.29
N ARG B 363 -2.63 -4.27 19.59
CA ARG B 363 -2.89 -3.72 18.27
C ARG B 363 -3.15 -4.81 17.24
N HIS B 364 -2.44 -5.94 17.36
CA HIS B 364 -2.71 -7.11 16.51
C HIS B 364 -4.12 -7.66 16.78
N VAL B 365 -4.52 -7.71 18.05
CA VAL B 365 -5.88 -8.17 18.43
C VAL B 365 -6.96 -7.23 17.86
N ALA B 366 -6.76 -5.92 18.00
CA ALA B 366 -7.69 -4.94 17.46
C ALA B 366 -7.92 -5.13 15.97
N ARG B 367 -6.83 -5.35 15.23
CA ARG B 367 -6.92 -5.54 13.77
C ARG B 367 -7.71 -6.82 13.41
N ALA B 368 -7.51 -7.88 14.18
CA ALA B 368 -8.26 -9.11 13.91
C ALA B 368 -9.74 -8.90 14.25
N GLU B 369 -10.01 -8.28 15.41
CA GLU B 369 -11.39 -7.94 15.80
C GLU B 369 -12.09 -7.04 14.76
N GLU B 370 -11.37 -6.06 14.23
CA GLU B 370 -11.95 -5.19 13.22
C GLU B 370 -12.26 -5.94 11.93
N THR B 371 -11.40 -6.90 11.57
CA THR B 371 -11.64 -7.70 10.38
C THR B 371 -12.95 -8.47 10.52
N TYR B 372 -13.16 -9.07 11.69
CA TYR B 372 -14.43 -9.72 11.99
C TYR B 372 -15.58 -8.72 11.90
N TYR B 373 -15.36 -7.53 12.44
CA TYR B 373 -16.37 -6.48 12.44
C TYR B 373 -16.77 -6.07 11.03
N MET B 374 -15.78 -6.00 10.13
CA MET B 374 -16.05 -5.65 8.74
C MET B 374 -16.89 -6.71 8.01
N LEU B 375 -16.72 -7.98 8.39
CA LEU B 375 -17.52 -9.05 7.80
C LEU B 375 -19.01 -8.76 7.92
N GLY B 376 -19.41 -8.35 9.13
CA GLY B 376 -20.78 -7.94 9.41
C GLY B 376 -21.28 -6.81 8.55
N ALA B 377 -20.46 -5.78 8.40
CA ALA B 377 -20.81 -4.64 7.55
C ALA B 377 -20.99 -5.06 6.08
N ILE B 378 -20.03 -5.81 5.55
CA ILE B 378 -20.15 -6.29 4.17
C ILE B 378 -21.38 -7.20 3.97
N GLU B 379 -21.67 -8.07 4.94
CA GLU B 379 -22.88 -8.89 4.88
C GLU B 379 -24.11 -8.00 4.69
N GLY B 380 -24.20 -6.93 5.48
CA GLY B 380 -25.29 -5.99 5.38
C GLY B 380 -25.38 -5.27 4.04
N TRP B 381 -24.25 -4.83 3.52
CA TRP B 381 -24.26 -4.09 2.27
C TRP B 381 -24.68 -5.02 1.14
N LEU B 382 -24.33 -6.29 1.26
CA LEU B 382 -24.75 -7.27 0.25
C LEU B 382 -26.29 -7.44 0.23
N LYS B 383 -26.94 -7.19 1.35
CA LYS B 383 -28.40 -7.29 1.44
C LYS B 383 -29.09 -5.97 1.09
N GLU B 384 -28.34 -4.87 1.19
CA GLU B 384 -28.87 -3.53 0.98
C GLU B 384 -28.80 -3.10 -0.49
N ILE B 385 -27.73 -3.52 -1.16
CA ILE B 385 -27.48 -3.16 -2.55
C ILE B 385 -28.66 -3.59 -3.41
N LYS B 386 -28.97 -2.82 -4.44
CA LYS B 386 -30.03 -3.20 -5.35
C LYS B 386 -29.46 -3.35 -6.75
N ALA B 387 -29.46 -4.58 -7.25
CA ALA B 387 -28.97 -4.86 -8.60
C ALA B 387 -29.70 -3.99 -9.61
N GLY B 388 -28.95 -3.33 -10.51
CA GLY B 388 -29.58 -2.58 -11.59
C GLY B 388 -29.82 -1.11 -11.32
N GLU B 389 -29.86 -0.71 -10.05
CA GLU B 389 -30.06 0.70 -9.70
C GLU B 389 -28.81 1.53 -9.97
N ASP B 390 -28.96 2.71 -10.58
CA ASP B 390 -27.81 3.49 -11.04
C ASP B 390 -26.92 3.91 -9.86
N THR B 391 -25.63 4.05 -10.13
CA THR B 391 -24.62 4.25 -9.11
C THR B 391 -23.79 5.50 -9.35
N VAL B 392 -24.06 6.22 -10.44
CA VAL B 392 -23.21 7.37 -10.75
C VAL B 392 -24.02 8.56 -11.28
N VAL B 393 -23.52 9.77 -11.02
CA VAL B 393 -23.95 10.97 -11.73
C VAL B 393 -22.72 11.55 -12.41
N MET B 394 -22.94 12.34 -13.44
CA MET B 394 -21.86 12.91 -14.24
C MET B 394 -21.78 14.43 -14.09
N PRO B 395 -21.15 14.92 -13.01
CA PRO B 395 -21.11 16.36 -12.77
C PRO B 395 -20.10 17.05 -13.67
N ALA B 396 -20.37 18.29 -14.03
CA ALA B 396 -19.38 19.13 -14.72
C ALA B 396 -18.24 19.52 -13.77
N VAL B 397 -17.08 19.83 -14.34
CA VAL B 397 -15.96 20.33 -13.56
C VAL B 397 -16.21 21.79 -13.19
N PRO B 398 -16.17 22.11 -11.89
CA PRO B 398 -16.38 23.49 -11.46
C PRO B 398 -15.14 24.33 -11.78
N ALA B 399 -15.32 25.64 -11.97
CA ALA B 399 -14.20 26.54 -12.25
C ALA B 399 -13.42 26.84 -10.97
N SER B 400 -14.16 27.06 -9.89
CA SER B 400 -13.54 27.28 -8.58
C SER B 400 -14.36 26.57 -7.54
N ALA B 401 -13.65 25.83 -6.68
CA ALA B 401 -14.31 25.02 -5.67
C ALA B 401 -13.28 24.55 -4.68
N GLU B 402 -13.76 23.97 -3.58
CA GLU B 402 -12.87 23.20 -2.70
C GLU B 402 -13.65 22.06 -2.07
N GLY B 403 -12.94 21.03 -1.64
CA GLY B 403 -13.61 19.92 -0.99
C GLY B 403 -12.65 19.18 -0.07
N THR B 404 -13.20 18.51 0.94
CA THR B 404 -12.39 17.67 1.82
C THR B 404 -13.05 16.29 1.93
N GLY B 405 -12.26 15.24 1.74
CA GLY B 405 -12.77 13.90 1.91
C GLY B 405 -12.16 13.27 3.15
N PHE B 406 -13.01 12.79 4.06
CA PHE B 406 -12.54 12.10 5.26
C PHE B 406 -12.93 10.63 5.19
N THR B 407 -11.96 9.75 5.43
CA THR B 407 -12.30 8.34 5.57
C THR B 407 -11.29 7.64 6.47
N GLU B 408 -11.47 6.33 6.66
CA GLU B 408 -10.50 5.56 7.41
C GLU B 408 -9.87 4.51 6.51
N ALA B 409 -8.58 4.69 6.22
CA ALA B 409 -7.77 3.66 5.59
C ALA B 409 -7.62 2.51 6.58
N PRO B 410 -7.31 1.30 6.09
CA PRO B 410 -7.04 0.16 6.98
C PRO B 410 -6.03 0.46 8.08
N ARG B 411 -5.09 1.37 7.80
CA ARG B 411 -4.09 1.75 8.79
C ARG B 411 -4.44 2.96 9.64
N GLY B 412 -5.53 3.66 9.30
CA GLY B 412 -5.98 4.76 10.13
C GLY B 412 -6.58 5.92 9.38
N SER B 413 -6.69 7.06 10.04
CA SER B 413 -7.43 8.19 9.51
C SER B 413 -6.81 8.76 8.25
N LEU B 414 -7.65 9.09 7.29
CA LEU B 414 -7.16 9.67 6.05
C LEU B 414 -8.02 10.84 5.60
N LEU B 415 -7.38 11.95 5.24
CA LEU B 415 -8.12 13.00 4.56
C LEU B 415 -7.37 13.56 3.35
N HIS B 416 -8.15 13.99 2.36
CA HIS B 416 -7.63 14.68 1.19
C HIS B 416 -8.34 16.01 1.10
N TYR B 417 -7.57 17.06 0.87
CA TYR B 417 -8.15 18.35 0.63
C TYR B 417 -7.82 18.80 -0.79
N VAL B 418 -8.82 19.26 -1.53
CA VAL B 418 -8.56 19.78 -2.86
C VAL B 418 -9.11 21.20 -3.07
N LYS B 419 -8.28 22.07 -3.64
CA LYS B 419 -8.74 23.38 -4.07
C LYS B 419 -8.62 23.54 -5.59
N VAL B 420 -9.72 23.95 -6.21
CA VAL B 420 -9.82 24.09 -7.67
C VAL B 420 -9.88 25.57 -8.09
N LYS B 421 -9.05 25.93 -9.06
CA LYS B 421 -9.07 27.28 -9.59
C LYS B 421 -8.81 27.17 -11.10
N ASP B 422 -9.56 27.91 -11.91
CA ASP B 422 -9.46 27.79 -13.36
C ASP B 422 -9.71 26.36 -13.83
N SER B 423 -10.60 25.65 -13.13
CA SER B 423 -10.97 24.28 -13.48
C SER B 423 -9.82 23.27 -13.34
N LYS B 424 -8.77 23.65 -12.60
CA LYS B 424 -7.62 22.78 -12.39
C LYS B 424 -7.29 22.72 -10.90
N ILE B 425 -6.53 21.70 -10.52
CA ILE B 425 -6.07 21.59 -9.14
C ILE B 425 -5.11 22.73 -8.78
N ASP B 426 -5.53 23.56 -7.84
CA ASP B 426 -4.70 24.67 -7.34
C ASP B 426 -3.85 24.22 -6.15
N ASN B 427 -4.46 23.45 -5.25
CA ASN B 427 -3.72 22.85 -4.14
C ASN B 427 -4.36 21.51 -3.83
N TYR B 428 -3.55 20.58 -3.36
CA TYR B 428 -4.06 19.27 -2.95
C TYR B 428 -3.20 18.86 -1.76
N GLN B 429 -3.85 18.61 -0.63
CA GLN B 429 -3.11 18.25 0.58
C GLN B 429 -3.64 16.94 1.14
N ILE B 430 -2.70 16.05 1.50
CA ILE B 430 -3.02 14.72 2.00
C ILE B 430 -2.51 14.56 3.41
N VAL B 431 -3.40 14.13 4.30
CA VAL B 431 -3.03 13.84 5.67
C VAL B 431 -3.44 12.39 5.92
N SER B 432 -2.46 11.49 5.91
CA SER B 432 -2.71 10.05 5.84
C SER B 432 -2.53 9.31 7.16
N ALA B 433 -2.91 8.03 7.15
CA ALA B 433 -2.90 7.21 8.35
C ALA B 433 -1.52 7.08 8.98
N SER B 434 -0.55 6.55 8.23
CA SER B 434 0.78 6.33 8.80
C SER B 434 1.55 7.64 9.02
N LEU B 435 1.07 8.72 8.42
CA LEU B 435 1.52 10.05 8.81
C LEU B 435 1.23 10.28 10.30
N TRP B 436 0.02 9.95 10.74
CA TRP B 436 -0.33 10.07 12.17
C TRP B 436 0.51 9.14 13.05
N ASN B 437 0.85 7.95 12.56
CA ASN B 437 1.59 6.99 13.38
C ASN B 437 3.11 7.14 13.37
N CYS B 438 3.67 7.26 12.17
CA CYS B 438 5.11 7.08 11.97
C CYS B 438 5.87 8.39 11.78
N ASN B 439 5.35 9.47 12.35
CA ASN B 439 5.92 10.81 12.15
C ASN B 439 7.05 11.12 13.13
N PRO B 440 7.89 12.11 12.79
CA PRO B 440 8.97 12.46 13.70
C PRO B 440 8.48 13.45 14.74
N ARG B 441 9.40 13.92 15.58
CA ARG B 441 9.13 14.99 16.52
C ARG B 441 8.46 16.20 15.86
N ASP B 442 7.60 16.89 16.60
CA ASP B 442 7.07 18.17 16.15
C ASP B 442 8.02 19.29 16.59
N ASP B 443 7.64 20.53 16.32
CA ASP B 443 8.55 21.65 16.58
C ASP B 443 8.89 21.80 18.05
N MET B 444 8.01 21.28 18.92
CA MET B 444 8.14 21.45 20.35
C MET B 444 8.85 20.26 21.03
N GLY B 445 9.28 19.29 20.22
CA GLY B 445 9.99 18.13 20.74
C GLY B 445 9.15 16.95 21.17
N GLN B 446 7.83 17.03 20.97
CA GLN B 446 6.95 15.89 21.26
C GLN B 446 7.11 14.81 20.18
N ARG B 447 7.38 13.57 20.59
CA ARG B 447 7.57 12.44 19.65
C ARG B 447 6.29 12.02 18.90
N GLY B 448 6.45 11.36 17.76
CA GLY B 448 5.33 10.75 17.05
C GLY B 448 4.82 9.52 17.80
N ALA B 449 3.67 9.01 17.40
CA ALA B 449 2.99 7.95 18.15
C ALA B 449 3.84 6.69 18.33
N VAL B 450 4.41 6.19 17.24
CA VAL B 450 5.25 4.99 17.26
C VAL B 450 6.58 5.27 17.97
N GLU B 451 7.16 6.44 17.71
CA GLU B 451 8.33 6.87 18.46
C GLU B 451 8.08 6.75 19.97
N GLU B 452 6.94 7.23 20.45
CA GLU B 452 6.66 7.19 21.87
C GLU B 452 6.36 5.77 22.33
N ALA B 453 5.67 5.00 21.49
CA ALA B 453 5.32 3.63 21.84
C ALA B 453 6.55 2.74 21.95
N LEU B 454 7.64 3.15 21.30
CA LEU B 454 8.89 2.40 21.39
C LEU B 454 9.54 2.49 22.76
N ILE B 455 9.30 3.60 23.47
CA ILE B 455 9.92 3.78 24.79
C ILE B 455 9.47 2.68 25.75
N GLY B 456 10.44 2.03 26.38
CA GLY B 456 10.15 0.96 27.32
C GLY B 456 10.17 -0.44 26.71
N ILE B 457 10.30 -0.51 25.39
CA ILE B 457 10.38 -1.80 24.70
C ILE B 457 11.62 -2.60 25.12
N PRO B 458 11.42 -3.86 25.53
CA PRO B 458 12.54 -4.68 26.02
C PRO B 458 13.52 -5.05 24.92
N VAL B 459 14.81 -4.84 25.18
CA VAL B 459 15.89 -5.35 24.33
C VAL B 459 16.92 -5.97 25.26
N ASP B 460 16.68 -7.22 25.64
CA ASP B 460 17.56 -7.93 26.57
C ASP B 460 18.85 -8.41 25.89
N ASP B 461 18.80 -8.49 24.56
CA ASP B 461 19.95 -8.91 23.78
C ASP B 461 20.12 -7.91 22.65
N ILE B 462 21.15 -7.08 22.75
CA ILE B 462 21.40 -6.10 21.69
C ILE B 462 21.84 -6.74 20.38
N GLN B 463 22.33 -7.98 20.44
CA GLN B 463 22.71 -8.73 19.23
C GLN B 463 21.48 -9.28 18.51
N ASN B 464 20.35 -9.39 19.21
CA ASN B 464 19.10 -9.86 18.59
C ASN B 464 17.95 -8.99 19.05
N PRO B 465 17.92 -7.72 18.61
CA PRO B 465 17.01 -6.73 19.19
C PRO B 465 15.63 -6.78 18.55
N VAL B 466 15.00 -7.95 18.60
CA VAL B 466 13.83 -8.23 17.77
C VAL B 466 12.59 -7.41 18.10
N ASN B 467 12.46 -6.96 19.35
CA ASN B 467 11.22 -6.32 19.77
C ASN B 467 11.06 -4.91 19.20
N VAL B 468 12.15 -4.31 18.74
CA VAL B 468 12.06 -2.97 18.18
C VAL B 468 11.13 -2.97 16.96
N ALA B 469 11.45 -3.79 15.95
CA ALA B 469 10.60 -3.87 14.77
C ALA B 469 9.28 -4.64 15.03
N ARG B 470 9.24 -5.47 16.08
CA ARG B 470 7.98 -6.09 16.49
C ARG B 470 6.98 -5.04 16.89
N LEU B 471 7.43 -4.08 17.68
CA LEU B 471 6.58 -2.98 18.09
C LEU B 471 6.12 -2.20 16.87
N ILE B 472 7.06 -1.85 16.01
CA ILE B 472 6.76 -1.05 14.81
C ILE B 472 5.68 -1.73 13.94
N ARG B 473 5.86 -3.02 13.70
CA ARG B 473 4.96 -3.79 12.84
C ARG B 473 3.53 -3.89 13.37
N ALA B 474 3.37 -3.83 14.69
CA ALA B 474 2.02 -3.85 15.26
C ALA B 474 1.15 -2.68 14.79
N PHE B 475 1.79 -1.56 14.41
CA PHE B 475 1.08 -0.40 13.88
C PHE B 475 0.77 -0.51 12.38
N ASP B 476 1.29 -1.55 11.73
CA ASP B 476 1.09 -1.74 10.29
C ASP B 476 1.57 -0.50 9.49
N PRO B 477 2.85 -0.10 9.69
CA PRO B 477 3.30 1.15 9.08
C PRO B 477 3.30 1.11 7.55
N SEC B 478 3.01 2.25 6.94
CA SEC B 478 3.01 2.37 5.48
C SEC B 478 3.64 3.69 5.15
N LEU B 479 4.93 3.64 4.80
CA LEU B 479 5.68 4.88 4.64
C LEU B 479 5.44 5.56 3.29
N GLY B 480 4.98 4.79 2.30
CA GLY B 480 4.51 5.35 1.06
C GLY B 480 3.37 6.31 1.33
N CYS B 481 2.41 5.85 2.13
CA CYS B 481 1.32 6.71 2.59
C CYS B 481 1.78 7.84 3.49
N ALA B 482 2.73 7.57 4.40
CA ALA B 482 3.12 8.59 5.37
C ALA B 482 3.74 9.82 4.68
N VAL B 483 4.51 9.58 3.64
CA VAL B 483 5.26 10.63 2.95
C VAL B 483 4.54 11.15 1.70
N HIS B 484 3.96 10.23 0.93
CA HIS B 484 3.41 10.55 -0.39
C HIS B 484 4.25 11.59 -1.17
FE1 SF4 C . -11.93 2.16 -25.70
FE2 SF4 C . -14.05 2.31 -27.47
FE3 SF4 C . -12.92 -0.10 -26.80
FE4 SF4 C . -11.57 1.65 -28.34
S1 SF4 C . -13.56 0.61 -28.90
S2 SF4 C . -10.68 0.45 -26.60
S3 SF4 C . -12.17 3.66 -27.44
S4 SF4 C . -14.05 1.31 -25.39
FE1 SF4 D . -3.68 -0.46 -17.96
FE2 SF4 D . -6.29 -1.12 -17.59
FE3 SF4 D . -4.82 -2.60 -19.32
FE4 SF4 D . -5.53 0.00 -19.89
S1 SF4 D . -6.96 -1.81 -19.69
S2 SF4 D . -3.47 -0.96 -20.20
S3 SF4 D . -5.43 1.01 -17.82
S4 SF4 D . -4.47 -2.43 -17.07
FE1 SF4 E . 3.05 1.65 -7.95
FE2 SF4 E . 2.30 1.99 -10.53
FE3 SF4 E . 3.99 -0.09 -9.72
FE4 SF4 E . 4.79 2.60 -9.81
S1 SF4 E . 4.20 1.24 -11.58
S2 SF4 E . 5.28 1.05 -8.19
S3 SF4 E . 2.89 3.65 -9.04
S4 SF4 E . 1.76 0.17 -9.19
FE FCO F . -2.35 3.85 3.63
C1 FCO F . -1.49 4.26 5.17
N1 FCO F . -0.98 4.49 6.20
C2 FCO F . -3.40 2.61 4.48
N2 FCO F . -4.10 1.88 5.05
C3 FCO F . -3.47 5.28 3.78
O3 FCO F . -4.12 6.15 4.07
NI NI G . -0.62 2.62 2.29
FE FE2 H . 0.76 15.55 3.18
S H2S I . -7.56 0.55 1.23
#